data_6DUX
#
_entry.id   6DUX
#
_cell.length_a   85.226
_cell.length_b   85.226
_cell.length_c   228.858
_cell.angle_alpha   90.00
_cell.angle_beta   90.00
_cell.angle_gamma   120.00
#
_symmetry.space_group_name_H-M   'P 32 2 1'
#
loop_
_entity.id
_entity.type
_entity.pdbx_description
1 polymer 6-phospho-alpha-glucosidase
2 non-polymer NICOTINAMIDE-ADENINE-DINUCLEOTIDE
3 non-polymer '(2S)-2-hydroxybutanedioic acid'
4 non-polymer 'ACETATE ION'
5 non-polymer GLYCEROL
6 non-polymer 'CHLORIDE ION'
7 non-polymer 'BICARBONATE ION'
8 water water
#
_entity_poly.entity_id   1
_entity_poly.type   'polypeptide(L)'
_entity_poly.pdbx_seq_one_letter_code
;SNA(MSE)KKFSVVIAGGGSTFTPGIVL(MSE)LLANQDRFPLRSLKFYDNDGARQETIAEACKVILKEQAPEIEFSYTT
DPQAAFTDVDFV(MSE)AHIRVGKYP(MSE)REQDEKIPLRHGVLGQETCGPGGIAYG(MSE)RSIGGVLELVDY(MSE)
EKYSPNAW(MSE)LNYSNPAAIVAEATRRLRPNAKILNICD(MSE)PIGIEGR(MSE)AQIVGLKDRKQ(MSE)RVRYYG
LNHFGWWTSIEDLDGNDL(MSE)PKLREYVAKYGYVPPSNDPHTEASWNDTFAKAKDVQALDPQT(MSE)PNTYLKYYLF
PDYVVAHSNPERTRANEV(MSE)DHREKNVFSACRAIIAAGKSTAGDLEIDEHASYIVDLATAIAFNTQER(MSE)LLIV
PNNGAIHNFDADA(MSE)VEIPCLVGHNGPEPLTVGDIPHFQKGL(MSE)SQQVAVEKLVVDAWEQRSYHKLWQAITLSK
TVPSASVAKAILDDLIAANKDYWPELH
;
_entity_poly.pdbx_strand_id   A,B
#
# COMPACT_ATOMS: atom_id res chain seq x y z
N LYS A 5 17.33 23.03 -3.05
CA LYS A 5 18.28 22.41 -2.15
C LYS A 5 19.23 21.58 -3.03
N LYS A 6 20.52 21.53 -2.67
CA LYS A 6 21.52 20.76 -3.44
C LYS A 6 21.98 19.57 -2.59
N PHE A 7 22.25 18.44 -3.27
CA PHE A 7 22.60 17.22 -2.54
C PHE A 7 24.08 16.85 -2.73
N SER A 8 24.56 16.09 -1.74
CA SER A 8 25.89 15.56 -1.65
C SER A 8 25.80 14.04 -1.81
N VAL A 9 26.46 13.52 -2.84
CA VAL A 9 26.40 12.10 -3.15
C VAL A 9 27.80 11.50 -3.17
N VAL A 10 27.90 10.24 -2.73
CA VAL A 10 29.11 9.49 -2.86
C VAL A 10 28.73 8.18 -3.53
N ILE A 11 29.50 7.79 -4.54
CA ILE A 11 29.29 6.54 -5.23
C ILE A 11 30.27 5.53 -4.65
N ALA A 12 29.74 4.48 -4.04
CA ALA A 12 30.59 3.42 -3.55
C ALA A 12 30.73 2.43 -4.71
N GLY A 13 31.97 2.27 -5.16
CA GLY A 13 32.29 1.48 -6.34
C GLY A 13 32.62 2.42 -7.50
N GLY A 14 33.42 3.44 -7.18
CA GLY A 14 33.85 4.44 -8.15
C GLY A 14 34.47 3.82 -9.40
N GLY A 15 35.17 2.69 -9.22
CA GLY A 15 35.88 2.01 -10.32
C GLY A 15 34.98 1.21 -11.25
N SER A 16 33.67 1.26 -11.03
CA SER A 16 32.72 0.54 -11.89
C SER A 16 32.71 1.13 -13.30
N THR A 17 32.57 0.25 -14.30
CA THR A 17 32.50 0.68 -15.69
C THR A 17 31.18 1.41 -15.97
N PHE A 18 30.24 1.36 -15.01
CA PHE A 18 28.94 2.03 -15.16
C PHE A 18 28.97 3.44 -14.56
N THR A 19 30.00 3.73 -13.74
CA THR A 19 30.10 5.03 -13.05
C THR A 19 30.02 6.19 -14.05
N PRO A 20 30.82 6.22 -15.14
CA PRO A 20 30.78 7.36 -16.07
C PRO A 20 29.38 7.61 -16.65
N GLY A 21 28.74 6.55 -17.12
CA GLY A 21 27.41 6.67 -17.71
C GLY A 21 26.40 7.19 -16.70
N ILE A 22 26.57 6.77 -15.44
CA ILE A 22 25.71 7.19 -14.35
C ILE A 22 25.98 8.68 -14.04
N VAL A 23 27.26 9.09 -14.07
CA VAL A 23 27.62 10.47 -13.78
C VAL A 23 26.98 11.35 -14.87
N LEU A 24 27.04 10.89 -16.11
CA LEU A 24 26.46 11.63 -17.23
C LEU A 24 24.95 11.72 -17.06
N LEU A 26 23.40 11.74 -14.02
CA LEU A 26 23.22 12.73 -12.96
C LEU A 26 23.32 14.15 -13.51
N LEU A 27 24.26 14.36 -14.44
CA LEU A 27 24.48 15.68 -15.00
C LEU A 27 23.28 16.11 -15.86
N ALA A 28 22.66 15.14 -16.54
CA ALA A 28 21.51 15.44 -17.40
C ALA A 28 20.24 15.64 -16.55
N ASN A 29 20.33 15.37 -15.24
CA ASN A 29 19.15 15.50 -14.39
C ASN A 29 19.37 16.51 -13.24
N GLN A 30 20.27 17.48 -13.44
N GLN A 30 20.28 17.48 -13.44
CA GLN A 30 20.52 18.50 -12.40
CA GLN A 30 20.52 18.51 -12.42
C GLN A 30 19.26 19.33 -12.14
C GLN A 30 19.25 19.31 -12.14
N ASP A 31 18.31 19.30 -13.08
CA ASP A 31 17.06 20.06 -12.93
C ASP A 31 16.22 19.49 -11.78
N ARG A 32 16.07 18.17 -11.73
CA ARG A 32 15.25 17.50 -10.70
C ARG A 32 16.12 17.06 -9.52
N PHE A 33 17.44 16.89 -9.73
CA PHE A 33 18.30 16.43 -8.61
C PHE A 33 19.63 17.17 -8.61
N PRO A 34 19.66 18.41 -8.07
CA PRO A 34 20.87 19.24 -8.08
C PRO A 34 21.95 18.77 -7.08
N LEU A 35 23.20 18.77 -7.53
CA LEU A 35 24.30 18.33 -6.74
C LEU A 35 25.25 19.47 -6.39
N ARG A 36 25.62 19.55 -5.11
CA ARG A 36 26.66 20.49 -4.68
C ARG A 36 27.98 19.71 -4.63
N SER A 37 27.87 18.39 -4.44
CA SER A 37 29.06 17.58 -4.24
C SER A 37 28.86 16.15 -4.76
N LEU A 38 29.94 15.60 -5.34
CA LEU A 38 29.97 14.24 -5.85
C LEU A 38 31.34 13.66 -5.51
N LYS A 39 31.32 12.48 -4.87
CA LYS A 39 32.55 11.83 -4.43
C LYS A 39 32.55 10.36 -4.87
N PHE A 40 33.73 9.81 -5.17
CA PHE A 40 33.80 8.40 -5.48
C PHE A 40 34.63 7.69 -4.40
N TYR A 41 34.21 6.48 -4.07
CA TYR A 41 34.90 5.67 -3.10
C TYR A 41 35.08 4.28 -3.70
N ASP A 42 36.22 3.66 -3.41
CA ASP A 42 36.53 2.32 -3.87
C ASP A 42 37.64 1.78 -2.97
N ASN A 43 37.75 0.46 -2.89
CA ASN A 43 38.81 -0.14 -2.08
C ASN A 43 39.97 -0.53 -3.02
N ASP A 44 39.81 -0.23 -4.32
CA ASP A 44 40.82 -0.48 -5.36
C ASP A 44 41.17 0.87 -6.02
N GLY A 45 42.16 1.54 -5.42
CA GLY A 45 42.63 2.87 -5.80
C GLY A 45 43.03 3.01 -7.25
N ALA A 46 43.96 2.16 -7.70
CA ALA A 46 44.47 2.19 -9.09
C ALA A 46 43.31 2.06 -10.09
N ARG A 47 42.37 1.15 -9.83
CA ARG A 47 41.25 0.96 -10.77
C ARG A 47 40.34 2.21 -10.76
N GLN A 48 40.04 2.74 -9.58
CA GLN A 48 39.14 3.92 -9.47
C GLN A 48 39.77 5.15 -10.12
N GLU A 49 41.09 5.29 -9.97
CA GLU A 49 41.84 6.47 -10.48
C GLU A 49 41.55 6.70 -11.97
N THR A 50 41.56 5.64 -12.78
CA THR A 50 41.33 5.78 -14.22
C THR A 50 39.91 6.32 -14.46
N ILE A 51 38.91 5.74 -13.79
CA ILE A 51 37.53 6.16 -13.98
C ILE A 51 37.31 7.59 -13.47
N ALA A 52 37.83 7.88 -12.28
CA ALA A 52 37.63 9.17 -11.60
C ALA A 52 38.28 10.32 -12.37
N GLU A 53 39.52 10.10 -12.85
CA GLU A 53 40.23 11.14 -13.59
C GLU A 53 39.50 11.43 -14.91
N ALA A 54 38.83 10.42 -15.48
CA ALA A 54 38.10 10.63 -16.73
C ALA A 54 36.82 11.42 -16.42
N CYS A 55 36.12 11.03 -15.35
CA CYS A 55 34.89 11.71 -14.95
C CYS A 55 35.16 13.16 -14.54
N LYS A 56 36.35 13.40 -13.98
CA LYS A 56 36.73 14.74 -13.54
C LYS A 56 36.77 15.68 -14.75
N VAL A 57 37.17 15.14 -15.91
CA VAL A 57 37.24 15.93 -17.15
C VAL A 57 35.82 16.24 -17.64
N ILE A 58 34.89 15.33 -17.38
CA ILE A 58 33.48 15.51 -17.80
C ILE A 58 32.81 16.56 -16.92
N LEU A 59 33.08 16.50 -15.61
CA LEU A 59 32.48 17.42 -14.63
C LEU A 59 32.98 18.85 -14.87
N LYS A 60 34.27 18.97 -15.21
CA LYS A 60 34.87 20.27 -15.46
C LYS A 60 34.22 20.89 -16.71
N GLU A 61 33.82 20.04 -17.67
CA GLU A 61 33.20 20.50 -18.91
C GLU A 61 31.72 20.85 -18.74
N GLN A 62 30.99 20.08 -17.93
CA GLN A 62 29.54 20.27 -17.84
C GLN A 62 29.09 20.93 -16.53
N ALA A 63 29.78 20.63 -15.42
CA ALA A 63 29.34 21.16 -14.13
C ALA A 63 30.54 21.45 -13.24
N PRO A 64 31.32 22.51 -13.56
CA PRO A 64 32.49 22.86 -12.76
C PRO A 64 32.13 23.33 -11.34
N GLU A 65 30.87 23.68 -11.12
CA GLU A 65 30.43 24.13 -9.80
C GLU A 65 30.34 22.95 -8.83
N ILE A 66 30.09 21.73 -9.33
CA ILE A 66 29.97 20.58 -8.45
C ILE A 66 31.35 20.22 -7.90
N GLU A 67 31.45 20.12 -6.57
CA GLU A 67 32.67 19.71 -5.88
C GLU A 67 32.92 18.21 -6.15
N PHE A 68 34.14 17.87 -6.57
CA PHE A 68 34.42 16.48 -6.92
C PHE A 68 35.74 15.99 -6.27
N SER A 69 35.72 14.73 -5.83
CA SER A 69 36.90 14.06 -5.28
C SER A 69 36.65 12.53 -5.27
N TYR A 70 37.75 11.78 -5.26
CA TYR A 70 37.74 10.33 -5.20
C TYR A 70 38.76 9.91 -4.14
N THR A 71 38.50 8.79 -3.48
CA THR A 71 39.34 8.36 -2.39
C THR A 71 39.11 6.87 -2.08
N THR A 72 40.01 6.34 -1.25
CA THR A 72 39.96 4.98 -0.72
C THR A 72 39.78 5.09 0.80
N ASP A 73 39.73 6.34 1.29
CA ASP A 73 39.58 6.67 2.69
C ASP A 73 38.10 6.75 3.07
N PRO A 74 37.59 5.83 3.92
CA PRO A 74 36.17 5.86 4.28
C PRO A 74 35.73 7.17 4.93
N GLN A 75 36.54 7.74 5.83
CA GLN A 75 36.12 8.99 6.49
C GLN A 75 35.92 10.11 5.45
N ALA A 76 36.86 10.21 4.51
CA ALA A 76 36.78 11.25 3.50
C ALA A 76 35.56 11.04 2.58
N ALA A 77 35.23 9.78 2.34
CA ALA A 77 34.18 9.43 1.40
C ALA A 77 32.77 9.57 2.00
N PHE A 78 32.59 9.09 3.24
CA PHE A 78 31.25 9.02 3.80
C PHE A 78 30.90 10.22 4.67
N THR A 79 31.80 11.19 4.78
CA THR A 79 31.50 12.39 5.55
C THR A 79 30.71 13.35 4.65
N ASP A 80 29.72 14.04 5.25
CA ASP A 80 28.92 15.10 4.61
C ASP A 80 28.24 14.61 3.33
N VAL A 81 27.51 13.47 3.41
CA VAL A 81 26.74 12.99 2.25
C VAL A 81 25.28 12.79 2.68
N ASP A 82 24.38 12.95 1.70
CA ASP A 82 22.95 12.77 1.86
C ASP A 82 22.57 11.36 1.36
N PHE A 83 23.29 10.91 0.33
CA PHE A 83 23.03 9.61 -0.28
C PHE A 83 24.32 8.89 -0.67
N VAL A 84 24.27 7.56 -0.51
CA VAL A 84 25.31 6.69 -0.96
C VAL A 84 24.71 5.86 -2.09
N ALA A 86 25.49 2.74 -4.05
CA ALA A 86 26.42 1.63 -3.94
C ALA A 86 26.25 0.64 -5.09
N HIS A 87 27.32 0.50 -5.88
CA HIS A 87 27.36 -0.47 -6.95
C HIS A 87 28.75 -1.12 -6.91
N ILE A 88 28.99 -1.89 -5.85
CA ILE A 88 30.23 -2.60 -5.68
C ILE A 88 30.08 -4.05 -6.17
N ARG A 89 31.20 -4.62 -6.62
CA ARG A 89 31.27 -6.01 -7.05
C ARG A 89 32.47 -6.63 -6.32
N VAL A 90 32.23 -7.12 -5.10
CA VAL A 90 33.30 -7.73 -4.32
C VAL A 90 33.90 -8.90 -5.12
N GLY A 91 35.21 -8.85 -5.34
CA GLY A 91 35.88 -9.90 -6.09
C GLY A 91 36.03 -9.55 -7.56
N LYS A 92 35.28 -8.53 -8.03
CA LYS A 92 35.35 -8.05 -9.40
C LYS A 92 35.04 -9.20 -10.38
N TYR A 93 35.51 -9.06 -11.63
CA TYR A 93 35.23 -10.04 -12.70
C TYR A 93 36.02 -11.34 -12.55
N PRO A 94 37.29 -11.37 -12.09
CA PRO A 94 37.98 -12.64 -11.91
C PRO A 94 37.19 -13.60 -11.00
N ARG A 96 33.91 -13.39 -10.53
CA ARG A 96 32.67 -13.69 -11.21
C ARG A 96 32.88 -14.85 -12.21
N GLU A 97 34.05 -14.88 -12.82
CA GLU A 97 34.41 -15.94 -13.78
C GLU A 97 34.34 -17.30 -13.06
N GLN A 98 34.87 -17.34 -11.82
CA GLN A 98 34.86 -18.54 -10.97
C GLN A 98 33.40 -18.94 -10.65
N ASP A 99 32.58 -17.95 -10.28
CA ASP A 99 31.14 -18.17 -9.95
C ASP A 99 30.43 -18.86 -11.12
N GLU A 100 30.81 -18.50 -12.35
CA GLU A 100 30.18 -19.02 -13.54
C GLU A 100 30.78 -20.38 -13.92
N LYS A 101 32.10 -20.54 -13.82
CA LYS A 101 32.74 -21.78 -14.31
C LYS A 101 32.71 -22.94 -13.30
N ILE A 102 32.72 -22.67 -12.00
CA ILE A 102 32.78 -23.79 -11.09
C ILE A 102 31.51 -24.63 -11.22
N PRO A 103 30.29 -24.04 -11.16
CA PRO A 103 29.07 -24.83 -11.31
C PRO A 103 29.03 -25.57 -12.66
N LEU A 104 29.46 -24.90 -13.74
CA LEU A 104 29.43 -25.51 -15.11
C LEU A 104 30.28 -26.78 -15.16
N ARG A 105 31.44 -26.77 -14.48
CA ARG A 105 32.30 -27.96 -14.45
C ARG A 105 31.51 -29.15 -13.85
N HIS A 106 30.48 -28.86 -13.05
CA HIS A 106 29.68 -29.93 -12.44
C HIS A 106 28.29 -30.05 -13.09
N GLY A 107 28.11 -29.44 -14.27
CA GLY A 107 26.85 -29.55 -15.00
C GLY A 107 25.72 -28.70 -14.43
N VAL A 108 26.07 -27.65 -13.69
CA VAL A 108 25.07 -26.72 -13.10
C VAL A 108 25.32 -25.33 -13.69
N LEU A 109 24.25 -24.58 -13.96
CA LEU A 109 24.38 -23.29 -14.58
C LEU A 109 25.19 -22.35 -13.67
N GLY A 110 26.05 -21.55 -14.33
CA GLY A 110 26.84 -20.53 -13.68
C GLY A 110 26.30 -19.18 -14.08
N GLN A 111 25.92 -18.37 -13.10
CA GLN A 111 25.33 -17.07 -13.41
C GLN A 111 25.63 -16.12 -12.23
N GLU A 112 25.68 -14.82 -12.57
CA GLU A 112 26.04 -13.73 -11.67
C GLU A 112 25.28 -13.78 -10.34
N THR A 113 23.95 -13.93 -10.42
CA THR A 113 23.14 -13.84 -9.19
C THR A 113 22.21 -15.03 -8.98
N CYS A 114 22.22 -16.00 -9.91
CA CYS A 114 21.32 -17.15 -9.81
C CYS A 114 22.11 -18.45 -9.79
N GLY A 115 21.66 -19.40 -8.97
CA GLY A 115 22.32 -20.67 -8.85
C GLY A 115 23.53 -20.56 -7.92
N PRO A 116 24.41 -21.59 -7.87
CA PRO A 116 25.56 -21.57 -6.96
C PRO A 116 26.51 -20.40 -7.18
N GLY A 117 26.55 -19.87 -8.41
CA GLY A 117 27.38 -18.70 -8.69
C GLY A 117 26.89 -17.50 -7.89
N GLY A 118 25.56 -17.30 -7.93
CA GLY A 118 24.91 -16.21 -7.20
C GLY A 118 25.14 -16.34 -5.72
N ILE A 119 25.06 -17.58 -5.23
CA ILE A 119 25.26 -17.87 -3.85
C ILE A 119 26.69 -17.50 -3.44
N ALA A 120 27.66 -17.83 -4.29
CA ALA A 120 29.06 -17.54 -3.98
C ALA A 120 29.28 -16.03 -3.95
N TYR A 121 28.72 -15.33 -4.93
CA TYR A 121 28.85 -13.89 -4.99
C TYR A 121 28.20 -13.25 -3.75
N GLY A 122 27.06 -13.79 -3.32
CA GLY A 122 26.38 -13.28 -2.13
C GLY A 122 27.22 -13.45 -0.87
N ARG A 124 30.42 -13.44 -0.76
CA ARG A 124 31.49 -12.45 -0.79
C ARG A 124 30.95 -11.05 -0.48
N SER A 125 29.75 -10.75 -0.98
CA SER A 125 29.19 -9.40 -0.88
C SER A 125 28.68 -9.02 0.53
N ILE A 126 28.13 -9.95 1.29
CA ILE A 126 27.54 -9.57 2.57
C ILE A 126 28.50 -8.69 3.36
N GLY A 127 29.76 -9.13 3.48
CA GLY A 127 30.78 -8.43 4.30
C GLY A 127 31.03 -7.01 3.82
N GLY A 128 31.15 -6.87 2.51
CA GLY A 128 31.44 -5.58 1.90
C GLY A 128 30.33 -4.58 2.12
N VAL A 129 29.09 -5.04 1.97
CA VAL A 129 27.95 -4.15 2.13
C VAL A 129 27.79 -3.79 3.61
N LEU A 130 28.01 -4.76 4.51
CA LEU A 130 27.89 -4.43 5.93
C LEU A 130 28.90 -3.33 6.28
N GLU A 131 30.07 -3.37 5.65
CA GLU A 131 31.09 -2.35 5.90
C GLU A 131 30.61 -0.98 5.39
N LEU A 132 30.08 -0.92 4.17
CA LEU A 132 29.63 0.35 3.61
C LEU A 132 28.56 0.95 4.53
N VAL A 133 27.63 0.11 4.96
CA VAL A 133 26.57 0.58 5.81
C VAL A 133 27.17 1.15 7.11
N ASP A 134 28.18 0.46 7.67
CA ASP A 134 28.74 0.93 8.96
C ASP A 134 29.48 2.24 8.76
N TYR A 135 30.14 2.41 7.60
CA TYR A 135 30.86 3.66 7.35
C TYR A 135 29.84 4.78 7.21
N GLU A 137 26.81 5.09 8.44
CA GLU A 137 26.19 5.43 9.71
C GLU A 137 27.16 6.13 10.65
N LYS A 138 28.45 5.91 10.47
CA LYS A 138 29.39 6.54 11.36
C LYS A 138 29.71 7.96 10.89
N TYR A 139 29.88 8.16 9.58
CA TYR A 139 30.32 9.48 9.08
C TYR A 139 29.15 10.35 8.59
N SER A 140 28.01 9.75 8.23
CA SER A 140 26.83 10.52 7.84
C SER A 140 25.58 9.79 8.34
N PRO A 141 25.32 9.83 9.67
CA PRO A 141 24.20 9.11 10.26
C PRO A 141 22.83 9.31 9.60
N ASN A 142 22.61 10.47 8.97
CA ASN A 142 21.29 10.77 8.38
C ASN A 142 21.21 10.38 6.89
N ALA A 143 22.31 9.89 6.32
CA ALA A 143 22.30 9.54 4.89
C ALA A 143 21.46 8.29 4.61
N TRP A 144 21.01 8.21 3.35
CA TRP A 144 20.29 7.05 2.80
C TRP A 144 21.22 6.30 1.87
N LEU A 146 21.35 3.88 -1.34
CA LEU A 146 20.61 3.35 -2.47
C LEU A 146 21.45 2.18 -2.98
N ASN A 147 21.03 0.98 -2.57
CA ASN A 147 21.76 -0.21 -2.87
C ASN A 147 21.15 -0.92 -4.08
N TYR A 148 21.82 -0.81 -5.22
CA TYR A 148 21.38 -1.50 -6.44
C TYR A 148 22.46 -2.50 -6.84
N SER A 149 23.25 -2.91 -5.84
CA SER A 149 24.26 -3.94 -6.01
C SER A 149 23.54 -5.28 -6.01
N ASN A 150 24.28 -6.33 -6.38
CA ASN A 150 23.76 -7.68 -6.40
C ASN A 150 24.68 -8.55 -5.57
N PRO A 151 24.25 -9.76 -5.18
CA PRO A 151 22.92 -10.32 -5.42
C PRO A 151 22.01 -9.82 -4.30
N ALA A 152 21.08 -8.94 -4.67
CA ALA A 152 20.23 -8.20 -3.74
C ALA A 152 19.43 -9.10 -2.80
N ALA A 153 18.97 -10.27 -3.26
CA ALA A 153 18.12 -11.11 -2.39
C ALA A 153 18.91 -11.64 -1.20
N ILE A 154 20.18 -11.99 -1.43
CA ILE A 154 21.01 -12.49 -0.35
C ILE A 154 21.45 -11.31 0.56
N VAL A 155 21.89 -10.21 -0.05
CA VAL A 155 22.40 -9.04 0.70
C VAL A 155 21.28 -8.35 1.48
N ALA A 156 20.09 -8.23 0.88
CA ALA A 156 18.97 -7.63 1.55
C ALA A 156 18.57 -8.48 2.77
N GLU A 157 18.67 -9.81 2.64
CA GLU A 157 18.33 -10.66 3.77
C GLU A 157 19.35 -10.42 4.90
N ALA A 158 20.61 -10.24 4.53
CA ALA A 158 21.67 -10.03 5.48
C ALA A 158 21.48 -8.69 6.22
N THR A 159 21.15 -7.62 5.50
CA THR A 159 21.00 -6.31 6.14
C THR A 159 19.70 -6.28 6.98
N ARG A 160 18.68 -7.00 6.54
CA ARG A 160 17.44 -7.11 7.30
C ARG A 160 17.76 -7.68 8.68
N ARG A 161 18.63 -8.72 8.73
CA ARG A 161 18.94 -9.36 10.00
C ARG A 161 19.95 -8.58 10.82
N LEU A 162 20.98 -8.05 10.16
CA LEU A 162 22.12 -7.50 10.89
C LEU A 162 22.11 -5.97 10.98
N ARG A 163 21.36 -5.28 10.11
CA ARG A 163 21.30 -3.83 10.15
C ARG A 163 19.84 -3.44 9.95
N PRO A 164 18.94 -4.01 10.77
CA PRO A 164 17.49 -3.81 10.57
C PRO A 164 17.01 -2.36 10.51
N ASN A 165 17.70 -1.45 11.20
CA ASN A 165 17.26 -0.06 11.29
C ASN A 165 18.07 0.90 10.40
N ALA A 166 19.06 0.38 9.67
CA ALA A 166 19.86 1.28 8.84
C ALA A 166 18.97 1.79 7.69
N LYS A 167 19.25 3.00 7.21
CA LYS A 167 18.46 3.58 6.13
C LYS A 167 19.03 3.08 4.81
N ILE A 168 18.53 1.91 4.40
CA ILE A 168 18.94 1.26 3.18
C ILE A 168 17.71 1.00 2.30
N LEU A 169 17.78 1.43 1.04
CA LEU A 169 16.77 1.18 0.03
C LEU A 169 17.39 0.20 -0.97
N ASN A 170 16.77 -0.98 -1.05
CA ASN A 170 17.18 -2.05 -1.92
C ASN A 170 16.33 -2.00 -3.18
N ILE A 171 16.99 -1.77 -4.32
CA ILE A 171 16.24 -1.68 -5.55
C ILE A 171 16.96 -2.48 -6.64
N CYS A 172 16.15 -2.98 -7.58
CA CYS A 172 16.56 -3.81 -8.66
C CYS A 172 16.19 -3.17 -10.00
N ASP A 173 17.07 -3.27 -11.01
CA ASP A 173 16.76 -2.58 -12.30
C ASP A 173 16.18 -3.53 -13.34
N PRO A 175 13.32 -5.26 -13.48
CA PRO A 175 11.91 -5.01 -13.78
C PRO A 175 11.70 -3.73 -14.60
N ILE A 176 12.62 -2.77 -14.45
CA ILE A 176 12.60 -1.51 -15.20
C ILE A 176 12.77 -1.84 -16.69
N GLY A 177 13.79 -2.64 -17.01
CA GLY A 177 14.09 -3.01 -18.40
C GLY A 177 12.96 -3.81 -19.04
N ILE A 178 12.40 -4.75 -18.29
CA ILE A 178 11.29 -5.56 -18.79
C ILE A 178 10.05 -4.67 -19.01
N GLU A 179 9.81 -3.73 -18.09
CA GLU A 179 8.62 -2.86 -18.24
C GLU A 179 8.82 -1.94 -19.45
N GLY A 180 10.06 -1.45 -19.62
CA GLY A 180 10.38 -0.64 -20.79
C GLY A 180 9.97 -1.35 -22.06
N ARG A 181 10.32 -2.64 -22.15
CA ARG A 181 10.01 -3.47 -23.33
C ARG A 181 8.50 -3.73 -23.42
N ALA A 183 6.08 -1.77 -22.53
CA ALA A 183 5.48 -0.53 -23.03
C ALA A 183 5.59 -0.43 -24.57
N GLN A 184 6.77 -0.73 -25.11
CA GLN A 184 6.97 -0.67 -26.56
C GLN A 184 6.05 -1.67 -27.24
N ILE A 185 5.91 -2.85 -26.63
CA ILE A 185 5.10 -3.94 -27.15
C ILE A 185 3.63 -3.52 -27.24
N VAL A 186 3.11 -2.87 -26.20
CA VAL A 186 1.68 -2.51 -26.25
C VAL A 186 1.51 -1.23 -27.07
N GLY A 187 2.59 -0.45 -27.19
CA GLY A 187 2.61 0.76 -27.99
C GLY A 187 2.54 2.03 -27.16
N LEU A 188 2.83 1.97 -25.85
CA LEU A 188 2.76 3.23 -25.05
C LEU A 188 4.10 3.96 -25.15
N LYS A 189 4.11 5.25 -24.79
CA LYS A 189 5.31 6.07 -24.89
C LYS A 189 6.44 5.49 -24.03
N ASP A 190 6.14 5.17 -22.76
CA ASP A 190 7.16 4.62 -21.86
C ASP A 190 6.50 3.85 -20.72
N ARG A 191 7.33 3.24 -19.86
CA ARG A 191 6.82 2.41 -18.77
C ARG A 191 6.07 3.23 -17.71
N LYS A 192 6.27 4.54 -17.66
CA LYS A 192 5.57 5.34 -16.63
C LYS A 192 4.13 5.64 -17.06
N GLN A 193 3.74 5.14 -18.22
CA GLN A 193 2.34 5.25 -18.68
C GLN A 193 1.59 3.98 -18.25
N ARG A 195 0.58 1.29 -14.83
CA ARG A 195 0.50 1.10 -13.39
C ARG A 195 0.38 -0.42 -13.18
N VAL A 196 1.28 -0.97 -12.36
CA VAL A 196 1.33 -2.41 -12.22
C VAL A 196 1.24 -2.84 -10.76
N ARG A 197 0.89 -4.12 -10.62
CA ARG A 197 0.94 -4.88 -9.37
C ARG A 197 1.89 -6.04 -9.67
N TYR A 198 2.71 -6.36 -8.69
CA TYR A 198 3.77 -7.33 -8.82
C TYR A 198 4.10 -7.89 -7.44
N TYR A 199 4.65 -9.11 -7.43
CA TYR A 199 5.13 -9.70 -6.18
C TYR A 199 6.19 -10.74 -6.53
N GLY A 200 7.10 -10.97 -5.58
CA GLY A 200 8.12 -11.96 -5.71
C GLY A 200 9.28 -11.66 -4.79
N LEU A 201 10.37 -12.40 -4.99
CA LEU A 201 11.65 -12.13 -4.35
C LEU A 201 12.42 -11.34 -5.40
N ASN A 202 13.53 -10.72 -5.01
CA ASN A 202 14.34 -10.05 -6.03
C ASN A 202 14.71 -11.10 -7.10
N HIS A 203 14.65 -10.72 -8.39
CA HIS A 203 15.05 -11.62 -9.48
C HIS A 203 14.20 -12.89 -9.50
N PHE A 204 12.96 -12.79 -8.99
CA PHE A 204 12.10 -13.97 -8.85
C PHE A 204 10.66 -13.52 -8.57
N GLY A 205 10.02 -12.91 -9.57
CA GLY A 205 8.67 -12.39 -9.35
C GLY A 205 7.79 -12.39 -10.59
N TRP A 206 6.56 -11.91 -10.40
CA TRP A 206 5.52 -11.90 -11.43
C TRP A 206 4.70 -10.62 -11.35
N TRP A 207 4.35 -10.07 -12.52
CA TRP A 207 3.37 -8.96 -12.62
C TRP A 207 1.99 -9.61 -12.66
N THR A 208 1.06 -9.11 -11.83
CA THR A 208 -0.28 -9.69 -11.74
C THR A 208 -1.34 -8.80 -12.38
N SER A 209 -0.99 -7.52 -12.59
CA SER A 209 -1.89 -6.53 -13.12
C SER A 209 -1.06 -5.46 -13.85
N ILE A 210 -1.40 -5.23 -15.12
CA ILE A 210 -0.71 -4.25 -15.94
C ILE A 210 -1.77 -3.48 -16.70
N GLU A 211 -1.88 -2.19 -16.35
CA GLU A 211 -2.85 -1.30 -16.89
C GLU A 211 -2.20 0.02 -17.32
N ASP A 212 -2.93 0.77 -18.16
CA ASP A 212 -2.49 2.12 -18.52
C ASP A 212 -2.92 2.97 -17.32
N LEU A 213 -2.56 4.25 -17.31
CA LEU A 213 -2.88 5.06 -16.13
C LEU A 213 -4.40 5.20 -15.93
N ASP A 214 -5.19 5.03 -16.99
CA ASP A 214 -6.64 5.18 -16.90
C ASP A 214 -7.33 3.89 -16.43
N GLY A 215 -6.58 2.79 -16.31
CA GLY A 215 -7.16 1.52 -15.85
C GLY A 215 -7.44 0.51 -16.97
N ASN A 216 -7.16 0.86 -18.23
CA ASN A 216 -7.37 -0.11 -19.32
C ASN A 216 -6.39 -1.28 -19.15
N ASP A 217 -6.87 -2.48 -19.44
CA ASP A 217 -6.12 -3.69 -19.28
C ASP A 217 -5.16 -3.88 -20.46
N LEU A 218 -3.87 -4.03 -20.15
CA LEU A 218 -2.81 -4.22 -21.15
C LEU A 218 -2.38 -5.69 -21.18
N PRO A 220 -4.17 -8.54 -21.90
CA PRO A 220 -4.58 -9.25 -23.11
C PRO A 220 -3.62 -9.07 -24.30
N LYS A 221 -3.19 -7.84 -24.57
CA LYS A 221 -2.30 -7.64 -25.70
C LYS A 221 -0.89 -8.21 -25.39
N LEU A 222 -0.44 -8.05 -24.14
CA LEU A 222 0.86 -8.58 -23.76
C LEU A 222 0.88 -10.11 -23.87
N ARG A 223 -0.18 -10.77 -23.37
CA ARG A 223 -0.25 -12.24 -23.44
C ARG A 223 -0.07 -12.70 -24.89
N GLU A 224 -0.85 -12.07 -25.78
CA GLU A 224 -0.86 -12.42 -27.18
C GLU A 224 0.55 -12.32 -27.77
N TYR A 225 1.24 -11.21 -27.46
CA TYR A 225 2.55 -11.00 -28.03
C TYR A 225 3.62 -11.89 -27.35
N VAL A 226 3.64 -11.88 -26.01
CA VAL A 226 4.66 -12.62 -25.25
C VAL A 226 4.60 -14.12 -25.59
N ALA A 227 3.40 -14.66 -25.84
CA ALA A 227 3.24 -16.08 -26.14
C ALA A 227 3.89 -16.44 -27.49
N LYS A 228 4.21 -15.42 -28.30
CA LYS A 228 4.82 -15.69 -29.60
C LYS A 228 6.30 -15.26 -29.63
N TYR A 229 6.64 -14.14 -28.97
CA TYR A 229 8.01 -13.63 -29.09
C TYR A 229 8.65 -13.29 -27.74
N GLY A 230 7.96 -13.52 -26.63
CA GLY A 230 8.55 -13.15 -25.34
C GLY A 230 8.59 -11.64 -25.20
N TYR A 231 9.63 -11.12 -24.55
CA TYR A 231 9.74 -9.67 -24.32
C TYR A 231 10.60 -8.98 -25.39
N VAL A 232 10.78 -9.61 -26.54
CA VAL A 232 11.56 -8.96 -27.62
C VAL A 232 10.61 -7.97 -28.32
N PRO A 233 10.83 -6.65 -28.20
CA PRO A 233 9.91 -5.66 -28.78
C PRO A 233 9.88 -5.68 -30.31
N PRO A 234 8.85 -5.05 -30.94
CA PRO A 234 8.74 -5.00 -32.40
C PRO A 234 10.03 -4.45 -33.03
N SER A 235 10.57 -3.38 -32.44
CA SER A 235 11.81 -2.77 -32.88
C SER A 235 12.37 -3.51 -34.09
N ALA A 242 22.91 -10.50 -27.62
CA ALA A 242 22.93 -11.95 -27.86
C ALA A 242 22.60 -12.68 -26.55
N SER A 243 23.25 -12.25 -25.46
CA SER A 243 23.05 -12.86 -24.14
C SER A 243 21.65 -12.53 -23.61
N TRP A 244 21.42 -11.26 -23.27
CA TRP A 244 20.12 -10.81 -22.75
C TRP A 244 18.99 -11.06 -23.77
N ASN A 245 19.29 -10.88 -25.07
CA ASN A 245 18.29 -11.06 -26.15
C ASN A 245 17.65 -12.46 -26.05
N ASP A 246 18.47 -13.46 -25.70
CA ASP A 246 18.01 -14.86 -25.57
C ASP A 246 17.09 -15.00 -24.36
N THR A 247 17.43 -14.28 -23.27
CA THR A 247 16.68 -14.33 -22.03
C THR A 247 15.29 -13.71 -22.19
N PHE A 248 15.19 -12.61 -22.95
CA PHE A 248 13.91 -11.91 -23.17
C PHE A 248 12.98 -12.76 -24.02
N ALA A 249 13.56 -13.48 -24.99
CA ALA A 249 12.79 -14.36 -25.89
C ALA A 249 12.26 -15.57 -25.12
N LYS A 250 13.12 -16.10 -24.25
CA LYS A 250 12.81 -17.29 -23.46
C LYS A 250 11.67 -17.03 -22.46
N ALA A 251 11.40 -15.76 -22.15
CA ALA A 251 10.27 -15.42 -21.24
C ALA A 251 8.96 -16.04 -21.75
N LYS A 252 8.89 -16.30 -23.06
CA LYS A 252 7.76 -16.94 -23.74
C LYS A 252 7.40 -18.26 -23.05
N ASP A 253 8.42 -19.07 -22.79
CA ASP A 253 8.26 -20.37 -22.19
C ASP A 253 7.96 -20.26 -20.68
N VAL A 254 8.61 -19.31 -20.01
CA VAL A 254 8.40 -19.11 -18.57
C VAL A 254 6.95 -18.68 -18.30
N GLN A 255 6.46 -17.75 -19.13
CA GLN A 255 5.11 -17.15 -18.96
C GLN A 255 4.00 -18.19 -19.14
N ALA A 256 4.23 -19.19 -20.00
CA ALA A 256 3.21 -20.23 -20.33
C ALA A 256 2.77 -21.02 -19.09
N LEU A 257 3.62 -21.12 -18.06
CA LEU A 257 3.23 -21.90 -16.84
C LEU A 257 2.04 -21.27 -16.10
N ASP A 258 1.96 -19.93 -16.13
CA ASP A 258 0.87 -19.21 -15.48
C ASP A 258 0.40 -18.10 -16.42
N PRO A 259 -0.52 -18.42 -17.35
CA PRO A 259 -1.01 -17.47 -18.36
C PRO A 259 -1.56 -16.13 -17.86
N GLN A 260 -2.08 -16.11 -16.64
CA GLN A 260 -2.68 -14.90 -16.04
C GLN A 260 -1.62 -13.90 -15.55
N THR A 261 -0.34 -14.28 -15.53
CA THR A 261 0.71 -13.33 -15.06
C THR A 261 1.80 -13.15 -16.11
N PRO A 263 6.13 -13.06 -16.05
CA PRO A 263 7.27 -13.30 -15.18
C PRO A 263 8.54 -12.45 -15.36
N ASN A 264 9.32 -12.39 -14.27
CA ASN A 264 10.63 -11.80 -14.27
C ASN A 264 11.49 -12.75 -15.10
N THR A 265 12.37 -12.20 -15.95
CA THR A 265 13.17 -13.02 -16.87
C THR A 265 14.11 -13.97 -16.14
N TYR A 266 14.48 -13.66 -14.90
CA TYR A 266 15.41 -14.51 -14.16
C TYR A 266 14.77 -15.86 -13.84
N LEU A 267 13.45 -15.97 -13.99
CA LEU A 267 12.80 -17.24 -13.70
C LEU A 267 13.23 -18.31 -14.71
N LYS A 268 13.82 -17.91 -15.84
CA LYS A 268 14.22 -18.94 -16.81
C LYS A 268 15.29 -19.85 -16.17
N TYR A 269 16.11 -19.28 -15.28
CA TYR A 269 17.17 -20.06 -14.66
C TYR A 269 16.63 -21.11 -13.69
N TYR A 270 15.42 -20.88 -13.18
CA TYR A 270 14.85 -21.80 -12.19
C TYR A 270 13.87 -22.79 -12.83
N LEU A 271 13.24 -22.41 -13.95
CA LEU A 271 12.27 -23.28 -14.61
C LEU A 271 12.89 -24.03 -15.80
N PHE A 272 13.99 -23.51 -16.36
CA PHE A 272 14.64 -24.18 -17.49
C PHE A 272 16.14 -24.22 -17.27
N PRO A 273 16.61 -24.75 -16.12
CA PRO A 273 18.04 -24.80 -15.82
C PRO A 273 18.81 -25.73 -16.77
N ASP A 274 18.14 -26.80 -17.23
CA ASP A 274 18.72 -27.76 -18.17
C ASP A 274 19.01 -27.05 -19.50
N TYR A 275 18.09 -26.17 -19.91
CA TYR A 275 18.25 -25.39 -21.13
C TYR A 275 19.50 -24.49 -21.00
N VAL A 276 19.59 -23.75 -19.89
CA VAL A 276 20.70 -22.84 -19.64
C VAL A 276 22.04 -23.58 -19.67
N VAL A 277 22.13 -24.75 -19.02
CA VAL A 277 23.40 -25.51 -19.02
C VAL A 277 23.73 -25.92 -20.47
N ALA A 278 22.70 -26.37 -21.20
CA ALA A 278 22.86 -26.84 -22.58
C ALA A 278 23.42 -25.73 -23.47
N HIS A 279 22.96 -24.49 -23.26
CA HIS A 279 23.43 -23.38 -24.08
C HIS A 279 24.60 -22.65 -23.41
N SER A 280 25.32 -23.32 -22.48
CA SER A 280 26.46 -22.68 -21.82
C SER A 280 27.78 -23.32 -22.26
N ASN A 281 28.83 -22.49 -22.27
CA ASN A 281 30.17 -22.89 -22.62
C ASN A 281 31.04 -22.82 -21.37
N PRO A 282 31.44 -23.97 -20.76
CA PRO A 282 32.26 -23.96 -19.55
C PRO A 282 33.63 -23.27 -19.70
N GLU A 283 34.08 -23.10 -20.95
CA GLU A 283 35.39 -22.50 -21.24
C GLU A 283 35.30 -20.98 -21.42
N ARG A 284 34.11 -20.46 -21.75
CA ARG A 284 33.95 -19.01 -21.92
C ARG A 284 32.54 -18.61 -21.47
N THR A 285 32.48 -17.85 -20.38
CA THR A 285 31.22 -17.42 -19.79
C THR A 285 31.03 -15.91 -19.97
N ARG A 286 29.93 -15.40 -19.42
CA ARG A 286 29.56 -13.98 -19.49
C ARG A 286 30.73 -13.11 -18.99
N ALA A 287 31.37 -13.53 -17.89
CA ALA A 287 32.46 -12.77 -17.28
C ALA A 287 33.57 -12.52 -18.32
N ASN A 288 33.85 -13.53 -19.15
CA ASN A 288 34.90 -13.45 -20.18
C ASN A 288 34.47 -12.42 -21.24
N GLU A 289 33.17 -12.37 -21.54
CA GLU A 289 32.63 -11.44 -22.53
C GLU A 289 32.78 -9.99 -22.02
N VAL A 290 32.35 -9.76 -20.79
CA VAL A 290 32.44 -8.43 -20.21
C VAL A 290 33.91 -8.00 -20.13
N ASP A 292 36.49 -8.97 -22.00
CA ASP A 292 37.06 -8.72 -23.33
C ASP A 292 36.40 -7.54 -24.03
N HIS A 293 35.24 -7.09 -23.53
CA HIS A 293 34.55 -5.98 -24.17
C HIS A 293 34.45 -4.79 -23.21
N ARG A 294 33.33 -4.71 -22.47
CA ARG A 294 33.03 -3.59 -21.58
C ARG A 294 34.24 -3.18 -20.73
N GLU A 295 34.85 -4.12 -19.98
CA GLU A 295 36.02 -3.79 -19.10
C GLU A 295 37.10 -3.07 -19.92
N LYS A 296 37.49 -3.66 -21.05
CA LYS A 296 38.50 -3.06 -21.93
C LYS A 296 38.08 -1.68 -22.47
N ASN A 297 36.90 -1.63 -23.08
CA ASN A 297 36.40 -0.45 -23.80
C ASN A 297 36.25 0.76 -22.87
N VAL A 298 35.63 0.56 -21.71
CA VAL A 298 35.40 1.69 -20.84
C VAL A 298 36.72 2.22 -20.27
N PHE A 299 37.61 1.31 -19.84
CA PHE A 299 38.90 1.76 -19.28
C PHE A 299 39.73 2.44 -20.36
N SER A 300 39.68 1.93 -21.61
CA SER A 300 40.43 2.50 -22.74
CA SER A 300 40.42 2.49 -22.73
C SER A 300 39.86 3.88 -23.10
N ALA A 301 38.54 4.00 -23.00
CA ALA A 301 37.86 5.26 -23.29
C ALA A 301 38.22 6.30 -22.22
N CYS A 302 38.21 5.86 -20.95
CA CYS A 302 38.56 6.74 -19.83
C CYS A 302 40.01 7.21 -19.97
N ARG A 303 40.87 6.27 -20.34
CA ARG A 303 42.29 6.48 -20.50
C ARG A 303 42.50 7.48 -21.66
N ALA A 304 41.66 7.38 -22.69
CA ALA A 304 41.75 8.30 -23.85
C ALA A 304 41.33 9.73 -23.45
N ILE A 305 40.28 9.84 -22.63
CA ILE A 305 39.77 11.15 -22.19
C ILE A 305 40.82 11.88 -21.35
N ILE A 306 41.48 11.14 -20.44
CA ILE A 306 42.52 11.70 -19.56
C ILE A 306 43.68 12.25 -20.40
N ALA A 307 44.21 11.39 -21.29
CA ALA A 307 45.38 11.69 -22.13
C ALA A 307 45.11 12.85 -23.10
N ALA A 308 43.85 13.00 -23.52
CA ALA A 308 43.44 14.04 -24.48
C ALA A 308 42.90 15.27 -23.75
N GLY A 309 42.42 15.06 -22.52
CA GLY A 309 41.87 16.12 -21.69
C GLY A 309 40.53 16.63 -22.22
N LYS A 310 39.77 15.75 -22.90
CA LYS A 310 38.47 16.11 -23.49
C LYS A 310 37.56 14.88 -23.51
N SER A 311 36.29 15.07 -23.11
CA SER A 311 35.31 13.98 -23.01
C SER A 311 35.08 13.33 -24.37
N THR A 312 35.13 14.14 -25.43
CA THR A 312 34.83 13.68 -26.77
C THR A 312 35.87 12.65 -27.24
N ALA A 313 36.96 12.48 -26.49
CA ALA A 313 38.02 11.50 -26.87
C ALA A 313 37.55 10.06 -26.57
N GLY A 314 36.58 9.92 -25.67
CA GLY A 314 36.05 8.62 -25.29
C GLY A 314 34.62 8.44 -25.75
N ASP A 315 34.26 7.21 -26.13
CA ASP A 315 32.89 6.93 -26.56
C ASP A 315 32.07 6.57 -25.32
N LEU A 316 31.70 7.58 -24.54
CA LEU A 316 30.87 7.37 -23.34
C LEU A 316 29.47 7.91 -23.61
N GLU A 317 28.45 7.08 -23.36
CA GLU A 317 27.06 7.48 -23.61
C GLU A 317 26.31 7.59 -22.28
N ILE A 318 25.34 8.51 -22.24
CA ILE A 318 24.50 8.71 -21.06
C ILE A 318 23.76 7.38 -20.80
N ASP A 319 23.79 6.94 -19.54
CA ASP A 319 23.08 5.75 -19.13
C ASP A 319 21.67 6.22 -18.71
N GLU A 320 20.79 6.38 -19.70
CA GLU A 320 19.42 6.86 -19.47
C GLU A 320 18.62 5.85 -18.63
N HIS A 321 18.96 4.56 -18.78
CA HIS A 321 18.31 3.47 -18.05
C HIS A 321 18.37 3.74 -16.54
N ALA A 322 19.59 3.99 -16.04
CA ALA A 322 19.89 4.22 -14.63
C ALA A 322 19.00 5.29 -13.99
N SER A 323 18.24 6.06 -14.79
CA SER A 323 17.48 7.21 -14.23
C SER A 323 16.56 6.77 -13.08
N TYR A 324 16.35 5.46 -12.95
CA TYR A 324 15.47 4.98 -11.90
C TYR A 324 16.08 5.32 -10.54
N ILE A 325 17.40 5.44 -10.49
CA ILE A 325 18.11 5.71 -9.26
C ILE A 325 17.78 7.13 -8.79
N VAL A 326 17.56 8.04 -9.75
CA VAL A 326 17.22 9.44 -9.45
C VAL A 326 15.73 9.52 -9.12
N ASP A 327 14.95 8.61 -9.71
CA ASP A 327 13.56 8.57 -9.34
C ASP A 327 13.50 8.28 -7.83
N LEU A 328 14.28 7.28 -7.42
CA LEU A 328 14.30 6.84 -6.01
C LEU A 328 14.85 7.96 -5.12
N ALA A 329 16.01 8.50 -5.49
CA ALA A 329 16.64 9.54 -4.71
C ALA A 329 15.70 10.75 -4.58
N THR A 330 15.08 11.16 -5.70
CA THR A 330 14.19 12.34 -5.65
C THR A 330 12.93 12.04 -4.84
N ALA A 331 12.42 10.81 -4.96
CA ALA A 331 11.21 10.47 -4.21
C ALA A 331 11.49 10.67 -2.71
N ILE A 332 12.69 10.28 -2.26
CA ILE A 332 13.10 10.41 -0.86
C ILE A 332 13.34 11.89 -0.53
N ALA A 333 14.10 12.55 -1.40
CA ALA A 333 14.51 13.91 -1.16
C ALA A 333 13.33 14.89 -1.21
N PHE A 334 12.33 14.63 -2.07
CA PHE A 334 11.22 15.59 -2.22
C PHE A 334 9.86 14.99 -1.81
N ASN A 335 9.86 13.85 -1.13
CA ASN A 335 8.64 13.29 -0.61
C ASN A 335 7.58 13.17 -1.72
N THR A 336 7.96 12.61 -2.87
CA THR A 336 7.05 12.60 -4.05
C THR A 336 5.95 11.54 -4.01
N GLN A 337 6.05 10.53 -3.14
CA GLN A 337 5.03 9.46 -3.07
C GLN A 337 5.03 8.62 -4.36
N GLU A 338 6.13 8.65 -5.10
CA GLU A 338 6.18 7.89 -6.34
C GLU A 338 6.11 6.39 -6.02
N ARG A 339 5.33 5.68 -6.84
CA ARG A 339 5.09 4.26 -6.74
C ARG A 339 6.17 3.49 -7.49
N LEU A 341 8.80 -0.48 -7.40
CA LEU A 341 9.13 -1.77 -6.82
C LEU A 341 10.40 -1.63 -5.99
N LEU A 342 10.32 -2.06 -4.72
CA LEU A 342 11.45 -2.07 -3.82
C LEU A 342 11.49 -3.41 -3.09
N ILE A 343 12.68 -3.75 -2.59
CA ILE A 343 12.85 -4.95 -1.81
C ILE A 343 12.68 -4.56 -0.34
N VAL A 344 11.63 -5.06 0.30
CA VAL A 344 11.35 -4.69 1.67
C VAL A 344 10.91 -5.91 2.47
N PRO A 345 11.00 -5.83 3.81
CA PRO A 345 10.48 -6.90 4.67
C PRO A 345 8.97 -7.10 4.38
N ASN A 346 8.56 -8.35 4.20
CA ASN A 346 7.20 -8.71 3.87
C ASN A 346 6.24 -8.22 4.95
N ASN A 347 6.32 -8.88 6.12
CA ASN A 347 5.58 -8.54 7.30
C ASN A 347 4.07 -8.32 7.01
N GLY A 348 3.46 -9.26 6.28
CA GLY A 348 2.04 -9.22 6.04
C GLY A 348 1.63 -8.73 4.67
N ALA A 349 2.54 -8.07 3.93
CA ALA A 349 2.18 -7.54 2.59
C ALA A 349 1.64 -8.70 1.73
N ILE A 350 2.41 -9.79 1.67
CA ILE A 350 1.99 -11.07 1.08
C ILE A 350 1.57 -11.89 2.29
N HIS A 351 0.25 -11.95 2.54
CA HIS A 351 -0.31 -12.51 3.76
C HIS A 351 0.08 -13.97 4.03
N ASN A 352 -0.02 -14.85 3.03
CA ASN A 352 0.27 -16.25 3.25
C ASN A 352 1.75 -16.56 2.91
N PHE A 353 2.63 -15.61 3.14
CA PHE A 353 4.06 -15.83 2.91
C PHE A 353 4.85 -15.33 4.12
N ASP A 354 5.98 -15.99 4.38
N ASP A 354 5.98 -15.99 4.38
CA ASP A 354 6.86 -15.70 5.52
CA ASP A 354 6.89 -15.71 5.50
C ASP A 354 6.99 -14.18 5.74
C ASP A 354 7.01 -14.19 5.73
N ALA A 355 6.68 -13.76 6.95
CA ALA A 355 6.72 -12.37 7.34
C ALA A 355 8.14 -11.79 7.36
N ASP A 356 9.13 -12.66 7.59
N ASP A 356 9.13 -12.65 7.58
CA ASP A 356 10.51 -12.22 7.68
CA ASP A 356 10.51 -12.22 7.68
C ASP A 356 11.25 -12.39 6.34
C ASP A 356 11.25 -12.38 6.34
N ALA A 357 10.51 -12.54 5.24
CA ALA A 357 11.14 -12.65 3.92
C ALA A 357 11.28 -11.26 3.30
N VAL A 359 10.87 -9.18 0.12
CA VAL A 359 10.03 -9.32 -1.06
C VAL A 359 10.10 -8.06 -1.92
N GLU A 360 9.94 -8.27 -3.23
CA GLU A 360 9.96 -7.19 -4.20
C GLU A 360 8.49 -6.87 -4.51
N ILE A 361 8.04 -5.73 -3.99
CA ILE A 361 6.64 -5.36 -4.13
C ILE A 361 6.49 -3.86 -4.33
N PRO A 362 5.32 -3.41 -4.83
CA PRO A 362 5.06 -1.98 -4.99
C PRO A 362 5.05 -1.23 -3.65
N CYS A 363 5.69 -0.07 -3.64
CA CYS A 363 5.73 0.79 -2.49
C CYS A 363 5.57 2.23 -2.93
N LEU A 364 5.06 3.07 -2.01
CA LEU A 364 5.02 4.49 -2.23
C LEU A 364 6.28 5.02 -1.56
N VAL A 365 7.06 5.87 -2.25
CA VAL A 365 8.28 6.32 -1.64
C VAL A 365 8.18 7.82 -1.32
N GLY A 366 8.50 8.14 -0.05
CA GLY A 366 8.52 9.49 0.45
C GLY A 366 9.75 9.71 1.30
N HIS A 367 9.78 10.80 2.06
CA HIS A 367 10.97 11.20 2.84
C HIS A 367 11.29 10.21 3.96
N ASN A 368 10.31 9.45 4.45
CA ASN A 368 10.56 8.46 5.53
C ASN A 368 10.92 7.10 4.95
N GLY A 369 11.09 7.04 3.63
CA GLY A 369 11.40 5.80 3.00
C GLY A 369 10.14 5.18 2.41
N PRO A 370 10.14 3.86 2.13
CA PRO A 370 8.98 3.23 1.51
C PRO A 370 7.75 2.97 2.40
N GLU A 371 6.56 3.07 1.81
CA GLU A 371 5.32 2.66 2.42
C GLU A 371 4.79 1.53 1.54
N PRO A 372 5.04 0.25 1.88
CA PRO A 372 4.57 -0.85 1.03
C PRO A 372 3.05 -0.98 0.90
N LEU A 373 2.61 -1.48 -0.26
CA LEU A 373 1.22 -1.77 -0.51
C LEU A 373 1.01 -3.25 -0.25
N THR A 374 -0.19 -3.61 0.19
CA THR A 374 -0.52 -5.00 0.38
C THR A 374 -0.59 -5.70 -0.98
N VAL A 375 -0.36 -7.02 -0.95
CA VAL A 375 -0.43 -7.90 -2.12
C VAL A 375 -1.64 -8.83 -1.95
N GLY A 376 -1.74 -9.44 -0.78
CA GLY A 376 -2.79 -10.40 -0.48
C GLY A 376 -2.23 -11.81 -0.48
N ASP A 377 -3.10 -12.80 -0.71
CA ASP A 377 -2.68 -14.18 -0.76
C ASP A 377 -2.23 -14.52 -2.18
N ILE A 378 -1.12 -15.27 -2.29
CA ILE A 378 -0.60 -15.70 -3.57
C ILE A 378 -0.90 -17.19 -3.80
N PRO A 379 -0.98 -17.64 -5.08
CA PRO A 379 -1.28 -19.04 -5.39
C PRO A 379 -0.14 -20.02 -5.05
N HIS A 380 -0.47 -21.31 -5.09
CA HIS A 380 0.44 -22.40 -4.73
C HIS A 380 1.71 -22.45 -5.58
N PHE A 381 1.58 -22.22 -6.89
CA PHE A 381 2.74 -22.34 -7.77
C PHE A 381 3.83 -21.34 -7.34
N GLN A 382 3.48 -20.06 -7.31
CA GLN A 382 4.44 -19.05 -6.93
C GLN A 382 4.87 -19.22 -5.46
N LYS A 383 3.93 -19.61 -4.59
CA LYS A 383 4.26 -19.73 -3.18
C LYS A 383 5.30 -20.84 -3.00
N GLY A 384 5.13 -21.93 -3.74
CA GLY A 384 6.05 -23.06 -3.68
C GLY A 384 7.45 -22.65 -4.11
N LEU A 385 7.53 -22.04 -5.29
CA LEU A 385 8.82 -21.56 -5.86
C LEU A 385 9.51 -20.58 -4.92
N SER A 387 8.97 -20.06 -1.65
CA SER A 387 9.32 -20.64 -0.37
C SER A 387 10.62 -21.42 -0.49
N GLN A 388 10.81 -22.11 -1.61
CA GLN A 388 12.00 -22.88 -1.84
C GLN A 388 13.21 -21.96 -1.93
N GLN A 389 13.07 -20.91 -2.74
CA GLN A 389 14.17 -20.02 -3.06
C GLN A 389 14.49 -19.10 -1.88
N VAL A 390 13.47 -18.71 -1.11
CA VAL A 390 13.75 -17.81 0.03
C VAL A 390 14.49 -18.61 1.12
N ALA A 391 14.20 -19.92 1.22
CA ALA A 391 14.90 -20.77 2.17
C ALA A 391 16.39 -20.87 1.76
N VAL A 392 16.64 -20.98 0.45
CA VAL A 392 18.03 -20.99 -0.05
C VAL A 392 18.76 -19.75 0.46
N GLU A 393 18.17 -18.58 0.18
CA GLU A 393 18.76 -17.29 0.53
C GLU A 393 19.02 -17.16 2.03
N LYS A 394 18.06 -17.64 2.84
CA LYS A 394 18.15 -17.55 4.29
C LYS A 394 19.19 -18.53 4.83
N LEU A 395 19.35 -19.67 4.13
CA LEU A 395 20.37 -20.63 4.49
C LEU A 395 21.75 -20.04 4.20
N VAL A 396 21.85 -19.24 3.13
CA VAL A 396 23.15 -18.66 2.79
C VAL A 396 23.57 -17.71 3.91
N VAL A 397 22.64 -16.87 4.35
CA VAL A 397 22.92 -15.93 5.40
C VAL A 397 23.11 -16.68 6.72
N ASP A 398 22.42 -17.82 6.88
CA ASP A 398 22.66 -18.63 8.09
C ASP A 398 24.12 -19.10 8.05
N ALA A 399 24.57 -19.51 6.87
CA ALA A 399 25.92 -20.02 6.72
C ALA A 399 26.93 -18.91 7.05
N TRP A 400 26.63 -17.69 6.59
CA TRP A 400 27.51 -16.55 6.79
C TRP A 400 27.59 -16.19 8.29
N GLU A 401 26.43 -16.06 8.93
CA GLU A 401 26.34 -15.68 10.34
C GLU A 401 26.91 -16.73 11.29
N GLN A 402 26.51 -17.99 11.11
CA GLN A 402 26.88 -19.10 12.00
C GLN A 402 28.18 -19.77 11.57
N ARG A 403 28.78 -19.30 10.47
CA ARG A 403 30.02 -19.90 9.92
C ARG A 403 29.79 -21.41 9.78
N SER A 404 28.68 -21.78 9.12
CA SER A 404 28.32 -23.18 9.02
C SER A 404 28.42 -23.73 7.59
N TYR A 405 29.17 -24.83 7.46
CA TYR A 405 29.35 -25.54 6.20
C TYR A 405 28.03 -26.22 5.80
N HIS A 406 27.39 -26.91 6.76
CA HIS A 406 26.15 -27.63 6.46
C HIS A 406 25.06 -26.69 5.98
N LYS A 407 25.02 -25.48 6.53
CA LYS A 407 23.97 -24.53 6.15
C LYS A 407 24.13 -24.16 4.67
N LEU A 408 25.39 -23.95 4.23
CA LEU A 408 25.60 -23.57 2.83
C LEU A 408 25.39 -24.80 1.92
N TRP A 409 25.75 -25.99 2.41
CA TRP A 409 25.50 -27.19 1.63
C TRP A 409 23.98 -27.38 1.45
N GLN A 410 23.24 -27.09 2.52
CA GLN A 410 21.79 -27.18 2.48
C GLN A 410 21.25 -26.17 1.47
N ALA A 411 21.80 -24.95 1.51
CA ALA A 411 21.33 -23.87 0.61
C ALA A 411 21.49 -24.31 -0.84
N ILE A 412 22.69 -24.77 -1.18
CA ILE A 412 22.98 -25.15 -2.55
C ILE A 412 22.13 -26.37 -2.95
N THR A 413 21.95 -27.29 -2.02
CA THR A 413 21.15 -28.48 -2.29
C THR A 413 19.69 -28.12 -2.60
N LEU A 414 19.17 -27.09 -1.92
N LEU A 414 19.14 -27.12 -1.91
CA LEU A 414 17.77 -26.70 -2.02
CA LEU A 414 17.72 -26.77 -2.09
C LEU A 414 17.45 -25.94 -3.32
C LEU A 414 17.46 -26.05 -3.42
N SER A 415 18.47 -25.37 -3.98
CA SER A 415 18.28 -24.60 -5.22
C SER A 415 17.67 -25.46 -6.34
N LYS A 416 16.68 -24.89 -7.04
CA LYS A 416 16.04 -25.57 -8.13
C LYS A 416 17.01 -25.70 -9.31
N THR A 417 18.18 -25.05 -9.21
CA THR A 417 19.18 -25.09 -10.29
C THR A 417 20.13 -26.28 -10.12
N VAL A 418 20.05 -26.93 -8.96
CA VAL A 418 20.95 -28.01 -8.56
C VAL A 418 20.19 -29.34 -8.52
N PRO A 419 20.71 -30.39 -9.20
CA PRO A 419 20.01 -31.68 -9.25
C PRO A 419 20.06 -32.56 -7.99
N SER A 420 21.10 -32.45 -7.17
CA SER A 420 21.19 -33.32 -6.02
C SER A 420 22.17 -32.78 -4.98
N ALA A 421 22.10 -33.36 -3.78
CA ALA A 421 22.96 -33.00 -2.69
C ALA A 421 24.42 -33.40 -2.99
N SER A 422 24.63 -34.44 -3.82
CA SER A 422 26.00 -34.88 -4.13
C SER A 422 26.69 -33.84 -5.03
N VAL A 423 25.99 -33.40 -6.08
CA VAL A 423 26.47 -32.38 -6.98
C VAL A 423 26.66 -31.08 -6.20
N ALA A 424 25.71 -30.79 -5.30
CA ALA A 424 25.78 -29.59 -4.50
C ALA A 424 27.06 -29.57 -3.67
N LYS A 425 27.41 -30.72 -3.08
CA LYS A 425 28.59 -30.82 -2.22
C LYS A 425 29.89 -30.65 -3.03
N ALA A 426 29.91 -31.22 -4.23
CA ALA A 426 31.10 -31.09 -5.06
C ALA A 426 31.32 -29.61 -5.41
N ILE A 427 30.21 -28.93 -5.77
CA ILE A 427 30.25 -27.53 -6.14
C ILE A 427 30.70 -26.69 -4.94
N LEU A 428 30.15 -27.01 -3.76
CA LEU A 428 30.48 -26.26 -2.58
C LEU A 428 31.98 -26.35 -2.29
N ASP A 429 32.53 -27.56 -2.33
CA ASP A 429 33.97 -27.74 -2.01
C ASP A 429 34.85 -26.91 -2.97
N ASP A 430 34.45 -26.79 -4.24
CA ASP A 430 35.21 -25.99 -5.20
C ASP A 430 35.04 -24.48 -4.89
N LEU A 431 33.81 -24.06 -4.58
CA LEU A 431 33.55 -22.65 -4.30
C LEU A 431 34.34 -22.22 -3.07
N ILE A 432 34.41 -23.09 -2.06
CA ILE A 432 35.16 -22.78 -0.81
C ILE A 432 36.62 -22.47 -1.15
N ALA A 433 37.24 -23.32 -1.95
CA ALA A 433 38.65 -23.17 -2.32
C ALA A 433 38.88 -21.85 -3.08
N ALA A 434 37.97 -21.55 -4.02
CA ALA A 434 38.09 -20.37 -4.88
C ALA A 434 37.81 -19.06 -4.12
N ASN A 435 37.03 -19.12 -3.03
CA ASN A 435 36.63 -17.88 -2.31
C ASN A 435 37.39 -17.71 -0.98
N LYS A 436 38.54 -18.36 -0.90
CA LYS A 436 39.48 -18.36 0.23
C LYS A 436 39.68 -16.96 0.87
N ASP A 437 39.79 -15.92 0.04
CA ASP A 437 40.11 -14.59 0.58
C ASP A 437 38.86 -13.74 0.79
N TYR A 438 37.66 -14.30 0.68
CA TYR A 438 36.47 -13.43 0.81
C TYR A 438 35.47 -13.96 1.84
N TRP A 439 35.25 -15.28 1.82
CA TRP A 439 34.25 -15.89 2.66
C TRP A 439 34.73 -16.00 4.09
N PRO A 440 33.81 -15.93 5.08
CA PRO A 440 34.18 -16.21 6.46
C PRO A 440 34.45 -17.72 6.45
N GLU A 441 35.05 -18.24 7.53
CA GLU A 441 35.35 -19.67 7.62
C GLU A 441 34.03 -20.45 7.80
N LEU A 442 33.98 -21.71 7.34
CA LEU A 442 32.78 -22.54 7.47
C LEU A 442 33.12 -23.85 8.19
N HIS A 443 32.62 -24.02 9.43
CA HIS A 443 32.89 -25.21 10.25
C HIS A 443 31.76 -26.23 10.07
N LYS B 5 -17.96 10.35 -20.16
CA LYS B 5 -19.16 9.59 -19.84
C LYS B 5 -19.86 10.18 -18.61
N LYS B 6 -21.18 9.98 -18.54
CA LYS B 6 -22.04 10.41 -17.43
C LYS B 6 -22.43 9.16 -16.64
N PHE B 7 -22.64 9.30 -15.32
CA PHE B 7 -22.90 8.12 -14.48
C PHE B 7 -24.36 8.03 -14.02
N SER B 8 -24.77 6.78 -13.74
CA SER B 8 -26.11 6.43 -13.25
C SER B 8 -25.98 6.06 -11.76
N VAL B 9 -26.68 6.82 -10.91
CA VAL B 9 -26.58 6.64 -9.47
C VAL B 9 -27.98 6.42 -8.86
N VAL B 10 -28.04 5.50 -7.89
CA VAL B 10 -29.24 5.23 -7.13
C VAL B 10 -28.89 5.41 -5.64
N ILE B 11 -29.70 6.21 -4.95
CA ILE B 11 -29.50 6.43 -3.54
C ILE B 11 -30.49 5.54 -2.79
N ALA B 12 -29.95 4.58 -2.03
CA ALA B 12 -30.76 3.72 -1.20
C ALA B 12 -30.95 4.45 0.12
N GLY B 13 -32.22 4.71 0.45
CA GLY B 13 -32.58 5.52 1.61
C GLY B 13 -32.92 6.94 1.15
N GLY B 14 -33.66 7.01 0.03
CA GLY B 14 -34.05 8.29 -0.54
C GLY B 14 -34.79 9.17 0.48
N GLY B 15 -35.47 8.53 1.44
CA GLY B 15 -36.22 9.26 2.48
C GLY B 15 -35.32 9.86 3.57
N SER B 16 -34.00 9.80 3.40
CA SER B 16 -33.07 10.38 4.40
C SER B 16 -33.14 11.91 4.38
N THR B 17 -33.06 12.51 5.58
CA THR B 17 -33.07 13.98 5.71
C THR B 17 -31.76 14.56 5.16
N PHE B 18 -30.78 13.67 4.87
CA PHE B 18 -29.50 14.12 4.31
C PHE B 18 -29.51 13.99 2.78
N THR B 19 -30.55 13.36 2.23
CA THR B 19 -30.63 13.14 0.78
C THR B 19 -30.57 14.48 0.03
N PRO B 20 -31.37 15.51 0.40
CA PRO B 20 -31.35 16.77 -0.32
C PRO B 20 -29.95 17.40 -0.35
N GLY B 21 -29.34 17.58 0.82
CA GLY B 21 -27.99 18.18 0.91
C GLY B 21 -26.99 17.49 0.01
N ILE B 22 -27.11 16.15 -0.07
CA ILE B 22 -26.24 15.32 -0.89
C ILE B 22 -26.52 15.55 -2.38
N VAL B 23 -27.81 15.64 -2.74
CA VAL B 23 -28.18 15.88 -4.13
C VAL B 23 -27.56 17.21 -4.52
N LEU B 24 -27.70 18.21 -3.64
CA LEU B 24 -27.17 19.56 -3.88
C LEU B 24 -25.67 19.51 -4.09
N LEU B 26 -23.95 16.86 -5.17
CA LEU B 26 -23.69 16.21 -6.46
C LEU B 26 -23.79 17.21 -7.61
N LEU B 27 -24.77 18.11 -7.53
CA LEU B 27 -25.03 19.12 -8.58
C LEU B 27 -23.85 20.11 -8.66
N ALA B 28 -23.27 20.41 -7.49
CA ALA B 28 -22.12 21.31 -7.40
C ALA B 28 -20.83 20.58 -7.81
N ASN B 29 -20.94 19.34 -8.27
CA ASN B 29 -19.77 18.54 -8.64
C ASN B 29 -19.97 17.81 -9.98
N GLN B 30 -20.83 18.36 -10.84
N GLN B 30 -20.84 18.37 -10.83
CA GLN B 30 -21.09 17.75 -12.15
CA GLN B 30 -21.12 17.81 -12.16
C GLN B 30 -19.84 17.89 -13.04
C GLN B 30 -19.83 17.85 -12.99
N ASP B 31 -18.98 18.84 -12.68
CA ASP B 31 -17.70 19.08 -13.37
C ASP B 31 -16.77 17.86 -13.26
N ARG B 32 -16.68 17.28 -12.05
CA ARG B 32 -15.79 16.13 -11.77
C ARG B 32 -16.56 14.80 -11.80
N PHE B 33 -17.90 14.85 -11.73
CA PHE B 33 -18.71 13.61 -11.70
C PHE B 33 -20.08 13.88 -12.34
N PRO B 34 -20.18 13.86 -13.69
CA PRO B 34 -21.45 14.12 -14.39
C PRO B 34 -22.40 12.92 -14.32
N LEU B 35 -23.72 13.20 -14.32
CA LEU B 35 -24.74 12.16 -14.19
C LEU B 35 -25.69 12.12 -15.40
N ARG B 36 -26.01 10.91 -15.86
CA ARG B 36 -27.01 10.73 -16.92
C ARG B 36 -28.35 10.39 -16.26
N SER B 37 -28.27 9.90 -15.01
CA SER B 37 -29.46 9.51 -14.29
C SER B 37 -29.20 9.44 -12.79
N LEU B 38 -30.25 9.76 -12.04
CA LEU B 38 -30.26 9.70 -10.58
C LEU B 38 -31.60 9.11 -10.14
N LYS B 39 -31.55 8.05 -9.33
CA LYS B 39 -32.76 7.41 -8.81
C LYS B 39 -32.70 7.29 -7.28
N PHE B 40 -33.88 7.25 -6.68
CA PHE B 40 -34.05 7.08 -5.22
C PHE B 40 -34.74 5.73 -4.95
N TYR B 41 -34.36 5.08 -3.85
CA TYR B 41 -34.96 3.84 -3.45
C TYR B 41 -35.16 3.84 -1.92
N ASP B 42 -36.31 3.36 -1.48
CA ASP B 42 -36.62 3.30 -0.07
C ASP B 42 -37.70 2.22 0.10
N ASN B 43 -37.84 1.69 1.32
CA ASN B 43 -38.89 0.70 1.63
C ASN B 43 -40.10 1.45 2.23
N ASP B 44 -39.92 2.74 2.53
CA ASP B 44 -40.97 3.60 3.09
C ASP B 44 -41.35 4.66 2.03
N GLY B 45 -42.27 4.28 1.13
CA GLY B 45 -42.72 5.10 0.01
C GLY B 45 -43.16 6.51 0.40
N ALA B 46 -44.11 6.59 1.34
CA ALA B 46 -44.66 7.89 1.79
C ALA B 46 -43.56 8.83 2.30
N ARG B 47 -42.60 8.30 3.05
CA ARG B 47 -41.53 9.16 3.58
C ARG B 47 -40.66 9.70 2.43
N GLN B 48 -40.26 8.80 1.53
CA GLN B 48 -39.39 9.11 0.40
C GLN B 48 -40.03 10.12 -0.56
N GLU B 49 -41.33 9.97 -0.82
CA GLU B 49 -42.06 10.82 -1.78
C GLU B 49 -41.87 12.32 -1.48
N THR B 50 -41.96 12.69 -0.20
CA THR B 50 -41.83 14.09 0.22
C THR B 50 -40.43 14.60 -0.12
N ILE B 51 -39.42 13.79 0.21
CA ILE B 51 -38.03 14.14 -0.05
C ILE B 51 -37.79 14.18 -1.57
N ALA B 52 -38.39 13.21 -2.29
CA ALA B 52 -38.18 13.03 -3.74
C ALA B 52 -38.87 14.13 -4.57
N GLU B 53 -40.09 14.52 -4.19
CA GLU B 53 -40.80 15.57 -4.95
C GLU B 53 -40.05 16.91 -4.78
N ALA B 54 -39.51 17.17 -3.58
CA ALA B 54 -38.76 18.42 -3.33
C ALA B 54 -37.49 18.43 -4.20
N CYS B 55 -36.77 17.30 -4.19
CA CYS B 55 -35.54 17.17 -4.96
C CYS B 55 -35.85 17.25 -6.46
N LYS B 56 -37.02 16.75 -6.87
CA LYS B 56 -37.41 16.79 -8.30
C LYS B 56 -37.41 18.26 -8.78
N VAL B 57 -37.82 19.17 -7.88
CA VAL B 57 -37.88 20.61 -8.19
C VAL B 57 -36.45 21.14 -8.32
N ILE B 58 -35.60 20.85 -7.32
CA ILE B 58 -34.20 21.28 -7.31
C ILE B 58 -33.50 20.85 -8.59
N LEU B 59 -33.59 19.54 -8.89
CA LEU B 59 -32.96 18.93 -10.09
C LEU B 59 -33.42 19.62 -11.38
N LYS B 60 -34.73 19.84 -11.49
CA LYS B 60 -35.30 20.46 -12.69
C LYS B 60 -34.78 21.91 -12.84
N GLU B 61 -34.49 22.57 -11.70
CA GLU B 61 -33.99 23.96 -11.68
C GLU B 61 -32.51 24.02 -12.10
N GLN B 62 -31.68 23.12 -11.56
CA GLN B 62 -30.23 23.21 -11.77
C GLN B 62 -29.69 22.20 -12.79
N ALA B 63 -30.47 21.17 -13.14
CA ALA B 63 -29.97 20.14 -14.05
C ALA B 63 -31.14 19.34 -14.60
N PRO B 64 -32.05 19.96 -15.39
CA PRO B 64 -33.21 19.25 -15.93
C PRO B 64 -32.86 18.16 -16.94
N GLU B 65 -31.59 18.13 -17.37
CA GLU B 65 -31.11 17.16 -18.34
C GLU B 65 -30.89 15.79 -17.65
N ILE B 66 -30.82 15.79 -16.32
CA ILE B 66 -30.59 14.55 -15.57
C ILE B 66 -31.92 13.80 -15.38
N GLU B 67 -31.92 12.53 -15.79
CA GLU B 67 -33.09 11.65 -15.67
C GLU B 67 -33.26 11.28 -14.20
N PHE B 68 -34.48 11.49 -13.68
CA PHE B 68 -34.79 11.24 -12.29
C PHE B 68 -36.05 10.37 -12.14
N SER B 69 -36.05 9.58 -11.07
CA SER B 69 -37.16 8.71 -10.67
C SER B 69 -36.90 8.17 -9.26
N TYR B 70 -37.97 7.85 -8.54
CA TYR B 70 -37.89 7.30 -7.20
C TYR B 70 -38.85 6.11 -7.13
N THR B 71 -38.57 5.14 -6.26
CA THR B 71 -39.37 3.92 -6.21
C THR B 71 -39.09 3.13 -4.93
N THR B 72 -39.95 2.12 -4.71
CA THR B 72 -39.88 1.16 -3.62
C THR B 72 -39.62 -0.23 -4.21
N ASP B 73 -39.60 -0.30 -5.56
CA ASP B 73 -39.38 -1.55 -6.31
C ASP B 73 -37.89 -1.75 -6.59
N PRO B 74 -37.25 -2.78 -6.00
CA PRO B 74 -35.83 -3.03 -6.20
C PRO B 74 -35.37 -3.08 -7.68
N GLN B 75 -36.06 -3.89 -8.48
CA GLN B 75 -35.75 -4.03 -9.89
C GLN B 75 -35.70 -2.66 -10.58
N ALA B 76 -36.73 -1.83 -10.35
CA ALA B 76 -36.75 -0.52 -10.98
C ALA B 76 -35.60 0.35 -10.46
N ALA B 77 -35.32 0.23 -9.15
CA ALA B 77 -34.28 1.04 -8.51
C ALA B 77 -32.85 0.63 -8.88
N PHE B 78 -32.59 -0.68 -8.90
CA PHE B 78 -31.20 -1.17 -9.05
C PHE B 78 -30.84 -1.58 -10.48
N THR B 79 -31.76 -1.35 -11.42
CA THR B 79 -31.47 -1.62 -12.83
C THR B 79 -30.68 -0.46 -13.42
N ASP B 80 -29.66 -0.79 -14.23
CA ASP B 80 -28.87 0.20 -15.01
C ASP B 80 -28.21 1.27 -14.11
N VAL B 81 -27.43 0.85 -13.11
CA VAL B 81 -26.74 1.84 -12.26
C VAL B 81 -25.25 1.49 -12.20
N ASP B 82 -24.44 2.53 -11.97
CA ASP B 82 -23.00 2.43 -11.86
C ASP B 82 -22.62 2.42 -10.39
N PHE B 83 -23.40 3.17 -9.61
CA PHE B 83 -23.16 3.29 -8.20
C PHE B 83 -24.46 3.32 -7.40
N VAL B 84 -24.38 2.71 -6.21
CA VAL B 84 -25.41 2.72 -5.22
C VAL B 84 -24.83 3.48 -4.03
N ALA B 86 -25.61 4.09 -0.36
CA ALA B 86 -26.47 3.54 0.68
C ALA B 86 -26.33 4.30 1.99
N HIS B 87 -27.45 4.88 2.44
CA HIS B 87 -27.56 5.54 3.75
C HIS B 87 -28.95 5.24 4.33
N ILE B 88 -29.15 3.98 4.72
CA ILE B 88 -30.40 3.54 5.30
C ILE B 88 -30.25 3.45 6.82
N ARG B 89 -31.38 3.65 7.50
CA ARG B 89 -31.47 3.53 8.95
C ARG B 89 -32.65 2.59 9.27
N VAL B 90 -32.39 1.28 9.26
CA VAL B 90 -33.44 0.30 9.53
C VAL B 90 -33.97 0.60 10.94
N GLY B 91 -35.28 0.84 11.00
CA GLY B 91 -35.93 1.15 12.27
C GLY B 91 -36.13 2.65 12.45
N LYS B 92 -35.47 3.44 11.60
CA LYS B 92 -35.59 4.91 11.62
C LYS B 92 -35.30 5.44 13.03
N TYR B 93 -35.70 6.69 13.30
CA TYR B 93 -35.43 7.34 14.59
C TYR B 93 -36.21 6.68 15.74
N PRO B 94 -37.46 6.20 15.59
CA PRO B 94 -38.14 5.54 16.71
C PRO B 94 -37.31 4.40 17.29
N ARG B 96 -33.95 4.12 16.99
CA ARG B 96 -32.73 4.70 17.55
C ARG B 96 -32.99 5.13 19.00
N GLU B 97 -34.19 5.63 19.28
CA GLU B 97 -34.54 6.11 20.62
C GLU B 97 -34.47 4.93 21.61
N GLN B 98 -34.91 3.75 21.15
CA GLN B 98 -34.88 2.55 21.98
C GLN B 98 -33.42 2.14 22.22
N ASP B 99 -32.58 2.22 21.18
CA ASP B 99 -31.16 1.85 21.27
C ASP B 99 -30.47 2.68 22.35
N GLU B 100 -30.89 3.94 22.49
CA GLU B 100 -30.24 4.88 23.41
C GLU B 100 -30.79 4.76 24.84
N LYS B 101 -32.11 4.59 24.97
CA LYS B 101 -32.73 4.62 26.30
C LYS B 101 -32.61 3.30 27.06
N ILE B 102 -32.70 2.17 26.33
CA ILE B 102 -32.69 0.86 27.03
C ILE B 102 -31.40 0.67 27.83
N PRO B 103 -30.19 0.83 27.25
CA PRO B 103 -28.97 0.68 28.03
C PRO B 103 -28.92 1.66 29.22
N LEU B 104 -29.41 2.88 29.00
CA LEU B 104 -29.40 3.90 30.08
C LEU B 104 -30.25 3.47 31.28
N ARG B 105 -31.33 2.69 31.06
CA ARG B 105 -32.15 2.22 32.21
C ARG B 105 -31.31 1.32 33.11
N HIS B 106 -30.26 0.70 32.54
CA HIS B 106 -29.40 -0.21 33.32
C HIS B 106 -28.05 0.44 33.66
N GLY B 107 -27.89 1.73 33.40
CA GLY B 107 -26.63 2.42 33.75
C GLY B 107 -25.51 2.19 32.73
N VAL B 108 -25.88 1.93 31.48
CA VAL B 108 -24.92 1.74 30.38
C VAL B 108 -25.23 2.78 29.29
N LEU B 109 -24.18 3.36 28.71
CA LEU B 109 -24.34 4.42 27.72
C LEU B 109 -25.16 3.91 26.54
N GLY B 110 -26.05 4.76 26.05
CA GLY B 110 -26.88 4.51 24.89
C GLY B 110 -26.42 5.38 23.74
N GLN B 111 -25.98 4.76 22.63
CA GLN B 111 -25.46 5.56 21.51
C GLN B 111 -25.72 4.79 20.21
N GLU B 112 -25.95 5.55 19.14
CA GLU B 112 -26.27 5.08 17.77
C GLU B 112 -25.44 3.85 17.33
N THR B 113 -24.13 3.89 17.54
CA THR B 113 -23.27 2.80 17.03
C THR B 113 -22.33 2.20 18.07
N CYS B 114 -22.28 2.77 19.28
CA CYS B 114 -21.39 2.23 20.29
C CYS B 114 -22.20 1.69 21.46
N GLY B 115 -21.67 0.63 22.08
CA GLY B 115 -22.31 0.00 23.23
C GLY B 115 -23.49 -0.86 22.79
N PRO B 116 -24.35 -1.29 23.74
CA PRO B 116 -25.50 -2.13 23.41
C PRO B 116 -26.44 -1.51 22.36
N GLY B 117 -26.53 -0.18 22.37
CA GLY B 117 -27.37 0.53 21.41
C GLY B 117 -26.91 0.26 19.98
N GLY B 118 -25.59 0.32 19.78
CA GLY B 118 -25.00 0.08 18.46
C GLY B 118 -25.20 -1.37 18.05
N ILE B 119 -25.09 -2.26 19.02
CA ILE B 119 -25.23 -3.68 18.79
C ILE B 119 -26.64 -3.97 18.31
N ALA B 120 -27.63 -3.30 18.90
CA ALA B 120 -29.02 -3.51 18.54
C ALA B 120 -29.27 -2.98 17.12
N TYR B 121 -28.69 -1.81 16.82
CA TYR B 121 -28.89 -1.21 15.51
C TYR B 121 -28.26 -2.15 14.45
N GLY B 122 -27.08 -2.70 14.78
CA GLY B 122 -26.39 -3.62 13.89
C GLY B 122 -27.20 -4.88 13.64
N ARG B 124 -30.33 -5.01 13.49
CA ARG B 124 -31.41 -4.68 12.58
C ARG B 124 -30.89 -4.44 11.16
N SER B 125 -29.70 -3.86 11.07
CA SER B 125 -29.12 -3.42 9.81
C SER B 125 -28.59 -4.53 8.91
N ILE B 126 -28.07 -5.62 9.49
CA ILE B 126 -27.43 -6.71 8.71
C ILE B 126 -28.37 -7.20 7.60
N GLY B 127 -29.60 -7.58 7.95
CA GLY B 127 -30.56 -8.07 6.94
C GLY B 127 -30.84 -7.05 5.85
N GLY B 128 -31.05 -5.79 6.27
CA GLY B 128 -31.37 -4.71 5.36
C GLY B 128 -30.30 -4.51 4.29
N VAL B 129 -29.04 -4.47 4.75
CA VAL B 129 -27.91 -4.23 3.85
C VAL B 129 -27.67 -5.45 2.96
N LEU B 130 -27.85 -6.65 3.51
CA LEU B 130 -27.64 -7.86 2.69
C LEU B 130 -28.61 -7.87 1.50
N GLU B 131 -29.83 -7.39 1.73
CA GLU B 131 -30.86 -7.32 0.69
C GLU B 131 -30.40 -6.38 -0.42
N LEU B 132 -29.89 -5.20 -0.04
CA LEU B 132 -29.44 -4.19 -1.01
C LEU B 132 -28.34 -4.78 -1.91
N VAL B 133 -27.38 -5.43 -1.27
CA VAL B 133 -26.28 -6.04 -1.99
C VAL B 133 -26.86 -7.03 -3.03
N ASP B 134 -27.81 -7.85 -2.59
CA ASP B 134 -28.42 -8.88 -3.45
C ASP B 134 -29.19 -8.22 -4.59
N TYR B 135 -29.88 -7.10 -4.34
CA TYR B 135 -30.59 -6.42 -5.43
C TYR B 135 -29.60 -5.89 -6.45
N GLU B 137 -26.46 -6.87 -7.10
CA GLU B 137 -25.79 -7.92 -7.86
C GLU B 137 -26.73 -8.54 -8.90
N LYS B 138 -28.04 -8.55 -8.61
CA LYS B 138 -28.98 -9.17 -9.51
C LYS B 138 -29.28 -8.26 -10.71
N TYR B 139 -29.50 -6.97 -10.46
CA TYR B 139 -29.94 -6.05 -11.51
C TYR B 139 -28.81 -5.17 -12.10
N SER B 140 -27.69 -5.02 -11.36
CA SER B 140 -26.54 -4.25 -11.84
C SER B 140 -25.26 -4.92 -11.34
N PRO B 141 -24.92 -6.10 -11.90
CA PRO B 141 -23.77 -6.88 -11.44
C PRO B 141 -22.42 -6.15 -11.44
N ASN B 142 -22.28 -5.10 -12.25
CA ASN B 142 -21.02 -4.36 -12.36
C ASN B 142 -20.98 -3.13 -11.45
N ALA B 143 -22.11 -2.78 -10.83
CA ALA B 143 -22.16 -1.60 -9.99
C ALA B 143 -21.38 -1.78 -8.70
N TRP B 144 -20.96 -0.64 -8.12
CA TRP B 144 -20.27 -0.52 -6.83
C TRP B 144 -21.22 0.05 -5.80
N LEU B 146 -21.44 2.14 -2.37
CA LEU B 146 -20.75 3.00 -1.43
C LEU B 146 -21.64 3.07 -0.19
N ASN B 147 -21.30 2.24 0.79
CA ASN B 147 -22.04 2.14 2.01
C ASN B 147 -21.38 3.03 3.05
N TYR B 148 -22.12 4.05 3.49
CA TYR B 148 -21.68 4.97 4.55
C TYR B 148 -22.77 4.96 5.61
N SER B 149 -23.46 3.81 5.71
N SER B 149 -23.45 3.82 5.73
CA SER B 149 -24.47 3.57 6.72
CA SER B 149 -24.45 3.61 6.74
C SER B 149 -23.75 3.08 7.99
C SER B 149 -23.74 3.13 8.00
N ASN B 150 -24.52 2.88 9.07
CA ASN B 150 -23.99 2.43 10.33
C ASN B 150 -24.87 1.31 10.87
N PRO B 151 -24.36 0.51 11.82
CA PRO B 151 -23.00 0.58 12.33
C PRO B 151 -22.08 -0.19 11.38
N ALA B 152 -21.19 0.56 10.72
CA ALA B 152 -20.32 0.04 9.66
C ALA B 152 -19.49 -1.17 10.13
N ALA B 153 -19.04 -1.15 11.38
CA ALA B 153 -18.17 -2.22 11.90
C ALA B 153 -18.90 -3.59 11.88
N ILE B 154 -20.14 -3.61 12.37
CA ILE B 154 -20.92 -4.81 12.42
C ILE B 154 -21.38 -5.19 11.01
N VAL B 155 -21.88 -4.22 10.25
CA VAL B 155 -22.40 -4.53 8.93
C VAL B 155 -21.25 -4.96 8.00
N ALA B 156 -20.08 -4.34 8.17
CA ALA B 156 -18.95 -4.71 7.34
C ALA B 156 -18.52 -6.14 7.66
N GLU B 157 -18.62 -6.54 8.93
CA GLU B 157 -18.25 -7.90 9.28
C GLU B 157 -19.22 -8.89 8.60
N ALA B 158 -20.50 -8.52 8.54
CA ALA B 158 -21.51 -9.38 7.94
C ALA B 158 -21.28 -9.54 6.43
N THR B 159 -21.04 -8.43 5.73
CA THR B 159 -20.81 -8.47 4.26
C THR B 159 -19.50 -9.20 3.93
N ARG B 160 -18.48 -9.03 4.77
CA ARG B 160 -17.22 -9.74 4.56
C ARG B 160 -17.45 -11.25 4.62
N ARG B 161 -18.26 -11.62 5.61
CA ARG B 161 -18.51 -12.98 5.94
C ARG B 161 -19.51 -13.62 4.96
N LEU B 162 -20.59 -12.91 4.60
CA LEU B 162 -21.68 -13.50 3.79
C LEU B 162 -21.66 -13.07 2.32
N ARG B 163 -20.97 -11.99 1.99
CA ARG B 163 -20.91 -11.47 0.62
C ARG B 163 -19.46 -11.08 0.31
N PRO B 164 -18.50 -12.00 0.48
CA PRO B 164 -17.08 -11.67 0.35
C PRO B 164 -16.60 -11.14 -1.02
N ASN B 165 -17.35 -11.41 -2.08
CA ASN B 165 -16.91 -10.99 -3.41
C ASN B 165 -17.73 -9.80 -3.93
N ALA B 166 -18.67 -9.32 -3.10
CA ALA B 166 -19.51 -8.20 -3.54
C ALA B 166 -18.69 -6.90 -3.56
N LYS B 167 -18.89 -6.10 -4.61
CA LYS B 167 -18.22 -4.81 -4.78
C LYS B 167 -18.88 -3.78 -3.84
N ILE B 168 -18.50 -3.86 -2.56
CA ILE B 168 -19.01 -2.96 -1.52
C ILE B 168 -17.82 -2.19 -0.92
N LEU B 169 -17.99 -0.88 -0.78
CA LEU B 169 -17.00 -0.03 -0.16
C LEU B 169 -17.63 0.58 1.08
N ASN B 170 -17.04 0.27 2.23
CA ASN B 170 -17.49 0.72 3.51
C ASN B 170 -16.63 1.92 3.91
N ILE B 171 -17.28 3.07 4.07
CA ILE B 171 -16.55 4.27 4.43
C ILE B 171 -17.27 4.95 5.60
N CYS B 172 -16.47 5.67 6.38
CA CYS B 172 -16.88 6.36 7.56
C CYS B 172 -16.52 7.83 7.44
N ASP B 173 -17.41 8.73 7.89
CA ASP B 173 -17.11 10.16 7.74
C ASP B 173 -16.50 10.74 9.02
N PRO B 175 -13.57 10.19 10.63
CA PRO B 175 -12.18 10.61 10.44
C PRO B 175 -12.06 11.88 9.57
N ILE B 176 -12.93 12.02 8.57
CA ILE B 176 -13.01 13.19 7.69
C ILE B 176 -13.19 14.46 8.54
N GLY B 177 -14.18 14.40 9.46
CA GLY B 177 -14.49 15.54 10.32
C GLY B 177 -13.36 15.88 11.27
N ILE B 178 -12.71 14.86 11.83
CA ILE B 178 -11.59 15.09 12.77
C ILE B 178 -10.38 15.64 12.01
N GLU B 179 -10.10 15.10 10.81
CA GLU B 179 -8.96 15.58 10.05
C GLU B 179 -9.18 17.05 9.66
N GLY B 180 -10.44 17.40 9.36
CA GLY B 180 -10.82 18.76 9.03
C GLY B 180 -10.49 19.73 10.16
N ARG B 181 -10.75 19.29 11.40
CA ARG B 181 -10.48 20.11 12.57
C ARG B 181 -8.97 20.17 12.83
N ALA B 183 -6.68 20.10 10.63
CA ALA B 183 -6.14 21.00 9.62
C ALA B 183 -6.28 22.44 10.09
N GLN B 184 -7.47 22.80 10.60
CA GLN B 184 -7.70 24.18 11.10
C GLN B 184 -6.71 24.48 12.22
N ILE B 185 -6.55 23.54 13.15
CA ILE B 185 -5.67 23.71 14.30
C ILE B 185 -4.23 24.01 13.90
N VAL B 186 -3.70 23.29 12.91
CA VAL B 186 -2.31 23.47 12.49
C VAL B 186 -2.20 24.59 11.44
N GLY B 187 -3.35 25.08 10.94
CA GLY B 187 -3.35 26.22 10.02
C GLY B 187 -3.36 25.88 8.53
N LEU B 188 -3.65 24.62 8.17
CA LEU B 188 -3.73 24.22 6.75
C LEU B 188 -5.15 24.53 6.22
N LYS B 189 -5.30 24.72 4.90
CA LYS B 189 -6.63 25.13 4.34
C LYS B 189 -7.66 23.99 4.37
N ASP B 190 -7.19 22.73 4.33
CA ASP B 190 -8.10 21.56 4.41
C ASP B 190 -7.26 20.30 4.66
N ARG B 191 -7.95 19.21 4.95
CA ARG B 191 -7.34 17.91 5.31
C ARG B 191 -6.55 17.28 4.15
N LYS B 192 -6.81 17.67 2.90
CA LYS B 192 -6.08 17.13 1.74
C LYS B 192 -4.67 17.74 1.69
N GLN B 193 -4.35 18.62 2.65
CA GLN B 193 -3.00 19.18 2.75
C GLN B 193 -2.21 18.32 3.72
N ARG B 195 -0.99 14.28 4.94
CA ARG B 195 -0.78 12.89 4.57
C ARG B 195 -0.68 12.14 5.91
N VAL B 196 -1.54 11.13 6.10
CA VAL B 196 -1.55 10.47 7.40
C VAL B 196 -1.45 8.95 7.27
N ARG B 197 -1.08 8.36 8.41
CA ARG B 197 -1.12 6.92 8.63
C ARG B 197 -2.10 6.73 9.80
N TYR B 198 -2.87 5.65 9.75
CA TYR B 198 -3.91 5.41 10.71
C TYR B 198 -4.25 3.93 10.69
N TYR B 199 -4.75 3.45 11.83
CA TYR B 199 -5.23 2.08 11.87
C TYR B 199 -6.30 2.00 12.95
N GLY B 200 -7.18 1.02 12.80
CA GLY B 200 -8.22 0.76 13.79
C GLY B 200 -9.36 -0.02 13.19
N LEU B 201 -10.46 -0.05 13.93
CA LEU B 201 -11.72 -0.60 13.50
C LEU B 201 -12.55 0.62 13.18
N ASN B 202 -13.67 0.44 12.49
CA ASN B 202 -14.51 1.61 12.29
C ASN B 202 -14.87 2.18 13.66
N HIS B 203 -14.83 3.52 13.81
CA HIS B 203 -15.21 4.18 15.06
C HIS B 203 -14.26 3.85 16.23
N PHE B 204 -13.05 3.41 15.90
CA PHE B 204 -12.13 2.86 16.90
C PHE B 204 -10.68 2.81 16.35
N GLY B 205 -10.07 3.97 16.14
CA GLY B 205 -8.73 3.97 15.57
C GLY B 205 -7.87 5.12 16.07
N TRP B 206 -6.64 5.18 15.55
CA TRP B 206 -5.65 6.16 15.91
C TRP B 206 -4.84 6.61 14.69
N TRP B 207 -4.52 7.90 14.64
CA TRP B 207 -3.58 8.42 13.66
C TRP B 207 -2.19 8.20 14.26
N THR B 208 -1.24 7.70 13.46
CA THR B 208 0.11 7.41 13.96
C THR B 208 1.15 8.33 13.35
N SER B 209 0.80 8.92 12.20
CA SER B 209 1.69 9.81 11.49
C SER B 209 0.81 10.86 10.83
N ILE B 210 1.17 12.12 11.04
CA ILE B 210 0.45 13.23 10.47
C ILE B 210 1.47 14.25 9.98
N GLU B 211 1.52 14.44 8.67
CA GLU B 211 2.45 15.35 8.06
C GLU B 211 1.73 16.23 7.03
N ASP B 212 2.37 17.34 6.66
CA ASP B 212 1.89 18.15 5.55
C ASP B 212 2.42 17.46 4.29
N LEU B 213 2.03 17.94 3.10
CA LEU B 213 2.44 17.30 1.85
C LEU B 213 3.96 17.35 1.65
N ASP B 214 4.62 18.32 2.28
CA ASP B 214 6.08 18.49 2.14
C ASP B 214 6.83 17.49 3.03
N GLY B 215 6.18 16.98 4.07
CA GLY B 215 6.83 16.00 4.97
C GLY B 215 7.06 16.55 6.37
N ASN B 216 6.65 17.79 6.61
CA ASN B 216 6.79 18.41 7.92
C ASN B 216 5.86 17.68 8.90
N ASP B 217 6.42 17.30 10.03
CA ASP B 217 5.73 16.59 11.05
C ASP B 217 4.76 17.53 11.77
N LEU B 218 3.45 17.20 11.76
CA LEU B 218 2.45 18.04 12.43
C LEU B 218 2.10 17.47 13.80
N PRO B 220 3.79 17.02 16.74
CA PRO B 220 4.15 17.86 17.89
C PRO B 220 3.18 19.02 18.15
N LYS B 221 2.86 19.75 17.09
CA LYS B 221 1.99 20.90 17.16
C LYS B 221 0.59 20.42 17.62
N LEU B 222 0.10 19.33 17.03
CA LEU B 222 -1.20 18.80 17.42
C LEU B 222 -1.16 18.28 18.86
N ARG B 223 -0.08 17.62 19.25
CA ARG B 223 0.01 17.09 20.62
C ARG B 223 -0.12 18.24 21.62
N GLU B 224 0.68 19.29 21.41
CA GLU B 224 0.71 20.44 22.30
C GLU B 224 -0.67 21.10 22.38
N TYR B 225 -1.40 21.13 21.26
CA TYR B 225 -2.71 21.79 21.23
C TYR B 225 -3.83 20.90 21.80
N VAL B 226 -3.91 19.66 21.30
CA VAL B 226 -4.97 18.74 21.68
C VAL B 226 -4.94 18.49 23.19
N ALA B 227 -3.73 18.49 23.78
CA ALA B 227 -3.60 18.25 25.23
C ALA B 227 -4.32 19.34 26.02
N LYS B 228 -4.48 20.52 25.42
CA LYS B 228 -5.12 21.61 26.14
C LYS B 228 -6.59 21.74 25.73
N TYR B 229 -6.92 21.52 24.46
CA TYR B 229 -8.28 21.84 24.02
C TYR B 229 -8.98 20.73 23.25
N GLY B 230 -8.35 19.56 23.09
CA GLY B 230 -8.99 18.54 22.31
C GLY B 230 -9.04 18.97 20.84
N TYR B 231 -10.04 18.47 20.10
CA TYR B 231 -10.13 18.78 18.67
C TYR B 231 -11.02 20.01 18.41
N VAL B 232 -11.18 20.88 19.42
CA VAL B 232 -11.97 22.10 19.21
C VAL B 232 -11.05 23.13 18.55
N PRO B 233 -11.30 23.54 17.28
CA PRO B 233 -10.41 24.47 16.59
C PRO B 233 -10.54 25.89 17.13
N PRO B 234 -9.54 26.77 16.88
CA PRO B 234 -9.60 28.16 17.34
C PRO B 234 -10.84 28.91 16.81
N SER B 235 -11.31 28.51 15.62
CA SER B 235 -12.50 29.11 15.00
C SER B 235 -13.77 28.63 15.72
N ASN B 245 -18.92 18.81 19.77
CA ASN B 245 -18.94 19.76 20.88
C ASN B 245 -18.10 19.18 22.03
N ASP B 246 -18.78 18.46 22.93
CA ASP B 246 -18.15 17.81 24.09
C ASP B 246 -17.24 16.67 23.62
N THR B 247 -17.72 15.93 22.61
CA THR B 247 -16.99 14.80 22.06
C THR B 247 -15.58 15.22 21.61
N PHE B 248 -15.50 16.34 20.88
CA PHE B 248 -14.23 16.84 20.35
C PHE B 248 -13.31 17.33 21.48
N ALA B 249 -13.89 17.93 22.51
CA ALA B 249 -13.11 18.43 23.63
C ALA B 249 -12.57 17.27 24.45
N LYS B 250 -13.41 16.26 24.65
CA LYS B 250 -13.07 15.09 25.45
C LYS B 250 -11.89 14.32 24.83
N ALA B 251 -11.64 14.52 23.53
CA ALA B 251 -10.50 13.85 22.85
C ALA B 251 -9.19 14.12 23.60
N LYS B 252 -9.16 15.24 24.33
CA LYS B 252 -8.03 15.63 25.17
C LYS B 252 -7.66 14.48 26.11
N ASP B 253 -8.69 13.94 26.79
CA ASP B 253 -8.48 12.88 27.78
C ASP B 253 -8.19 11.53 27.10
N VAL B 254 -8.79 11.28 25.93
CA VAL B 254 -8.56 10.04 25.20
C VAL B 254 -7.10 9.96 24.72
N GLN B 255 -6.60 11.09 24.19
CA GLN B 255 -5.26 11.15 23.57
C GLN B 255 -4.12 10.98 24.59
N ALA B 256 -4.37 11.35 25.85
CA ALA B 256 -3.35 11.30 26.94
C ALA B 256 -2.87 9.86 27.24
N LEU B 257 -3.72 8.86 26.99
CA LEU B 257 -3.33 7.45 27.23
C LEU B 257 -2.18 7.02 26.31
N ASP B 258 -2.15 7.55 25.09
CA ASP B 258 -1.07 7.22 24.15
C ASP B 258 -0.60 8.53 23.51
N PRO B 259 0.33 9.25 24.17
CA PRO B 259 0.83 10.53 23.70
C PRO B 259 1.38 10.59 22.26
N GLN B 260 1.79 9.42 21.75
CA GLN B 260 2.40 9.37 20.42
C GLN B 260 1.35 9.26 19.31
N THR B 261 0.07 9.15 19.65
CA THR B 261 -0.93 9.04 18.60
C THR B 261 -2.03 10.07 18.82
N PRO B 263 -6.27 10.01 18.76
CA PRO B 263 -7.39 9.09 18.74
C PRO B 263 -8.67 9.53 18.01
N ASN B 264 -9.39 8.53 17.49
CA ASN B 264 -10.73 8.71 16.94
C ASN B 264 -11.61 9.09 18.14
N THR B 265 -12.49 10.08 17.97
CA THR B 265 -13.33 10.60 19.08
C THR B 265 -14.25 9.53 19.68
N TYR B 266 -14.67 8.53 18.88
CA TYR B 266 -15.58 7.51 19.40
C TYR B 266 -14.93 6.70 20.54
N LEU B 267 -13.60 6.83 20.70
CA LEU B 267 -12.91 6.08 21.77
C LEU B 267 -13.30 6.61 23.16
N LYS B 268 -13.97 7.76 23.23
CA LYS B 268 -14.35 8.25 24.56
C LYS B 268 -15.41 7.32 25.19
N TYR B 269 -16.19 6.64 24.32
CA TYR B 269 -17.28 5.78 24.80
C TYR B 269 -16.74 4.50 25.43
N TYR B 270 -15.52 4.12 25.05
CA TYR B 270 -14.93 2.89 25.51
C TYR B 270 -13.90 3.13 26.60
N LEU B 271 -13.33 4.34 26.65
CA LEU B 271 -12.29 4.62 27.65
C LEU B 271 -12.85 5.44 28.82
N PHE B 272 -13.96 6.15 28.58
CA PHE B 272 -14.63 6.96 29.60
C PHE B 272 -16.13 6.68 29.58
N PRO B 273 -16.54 5.39 29.64
CA PRO B 273 -17.97 5.05 29.61
C PRO B 273 -18.72 5.57 30.85
N ASP B 274 -18.05 5.63 32.00
CA ASP B 274 -18.68 6.17 33.23
C ASP B 274 -19.05 7.64 33.01
N TYR B 275 -18.18 8.36 32.29
CA TYR B 275 -18.39 9.79 32.00
C TYR B 275 -19.60 9.97 31.09
N VAL B 276 -19.70 9.16 30.02
CA VAL B 276 -20.82 9.29 29.06
C VAL B 276 -22.15 9.03 29.78
N VAL B 277 -22.17 7.96 30.60
CA VAL B 277 -23.39 7.66 31.33
C VAL B 277 -23.70 8.84 32.27
N ALA B 278 -22.66 9.32 32.98
CA ALA B 278 -22.81 10.42 33.94
C ALA B 278 -23.43 11.66 33.26
N HIS B 279 -23.10 11.91 31.98
CA HIS B 279 -23.62 13.10 31.28
C HIS B 279 -24.81 12.76 30.35
N SER B 280 -25.40 11.57 30.54
CA SER B 280 -26.56 11.14 29.72
C SER B 280 -27.85 11.35 30.52
N ASN B 281 -28.92 11.66 29.79
CA ASN B 281 -30.26 11.88 30.34
C ASN B 281 -31.17 10.77 29.79
N PRO B 282 -31.58 9.78 30.63
CA PRO B 282 -32.40 8.66 30.16
C PRO B 282 -33.77 9.04 29.57
N GLU B 283 -34.18 10.30 29.78
CA GLU B 283 -35.49 10.81 29.37
C GLU B 283 -35.42 11.50 28.00
N ARG B 284 -34.26 12.05 27.64
CA ARG B 284 -34.11 12.70 26.34
C ARG B 284 -32.72 12.39 25.78
N THR B 285 -32.69 11.68 24.64
CA THR B 285 -31.45 11.29 24.00
C THR B 285 -31.35 11.99 22.65
N ARG B 286 -30.21 11.77 21.98
CA ARG B 286 -29.89 12.40 20.70
C ARG B 286 -31.02 12.14 19.69
N ALA B 287 -31.57 10.92 19.66
CA ALA B 287 -32.66 10.63 18.71
C ALA B 287 -33.80 11.64 18.88
N ASN B 288 -34.07 12.05 20.13
CA ASN B 288 -35.17 13.01 20.44
C ASN B 288 -34.88 14.39 19.83
N GLU B 289 -33.60 14.81 19.88
CA GLU B 289 -33.14 16.11 19.33
C GLU B 289 -33.33 16.12 17.81
N VAL B 290 -32.90 15.04 17.16
CA VAL B 290 -32.99 14.94 15.72
C VAL B 290 -34.46 14.93 15.29
N ASP B 292 -36.99 16.17 16.88
CA ASP B 292 -37.59 17.45 17.19
C ASP B 292 -37.07 18.56 16.26
N HIS B 293 -35.85 18.40 15.72
CA HIS B 293 -35.27 19.48 14.93
C HIS B 293 -35.06 19.06 13.47
N ARG B 294 -33.96 18.36 13.20
CA ARG B 294 -33.58 17.99 11.84
C ARG B 294 -34.74 17.33 11.04
N GLU B 295 -35.40 16.32 11.63
CA GLU B 295 -36.49 15.56 10.93
C GLU B 295 -37.61 16.49 10.46
N LYS B 296 -38.08 17.37 11.35
CA LYS B 296 -39.18 18.28 11.05
C LYS B 296 -38.72 19.40 10.11
N ASN B 297 -37.55 19.98 10.41
CA ASN B 297 -37.00 21.08 9.63
C ASN B 297 -36.86 20.70 8.15
N VAL B 298 -36.27 19.52 7.91
CA VAL B 298 -36.01 19.06 6.53
C VAL B 298 -37.32 18.71 5.80
N PHE B 299 -38.21 17.98 6.49
CA PHE B 299 -39.48 17.62 5.85
C PHE B 299 -40.33 18.87 5.61
N SER B 300 -40.29 19.84 6.54
CA SER B 300 -41.04 21.09 6.41
CA SER B 300 -41.04 21.10 6.42
C SER B 300 -40.53 21.90 5.22
N ALA B 301 -39.21 21.84 4.98
CA ALA B 301 -38.61 22.55 3.87
C ALA B 301 -39.08 21.90 2.56
N CYS B 302 -39.02 20.56 2.51
CA CYS B 302 -39.45 19.79 1.33
C CYS B 302 -40.94 20.02 1.03
N ARG B 303 -41.77 20.07 2.09
CA ARG B 303 -43.19 20.31 1.89
C ARG B 303 -43.39 21.72 1.27
N ALA B 304 -42.66 22.71 1.82
CA ALA B 304 -42.73 24.11 1.37
C ALA B 304 -42.30 24.24 -0.09
N ILE B 305 -41.23 23.53 -0.46
CA ILE B 305 -40.69 23.54 -1.83
C ILE B 305 -41.72 22.96 -2.81
N ILE B 306 -42.36 21.85 -2.44
CA ILE B 306 -43.35 21.21 -3.29
C ILE B 306 -44.55 22.17 -3.51
N ALA B 307 -45.01 22.82 -2.44
CA ALA B 307 -46.16 23.69 -2.50
C ALA B 307 -45.91 24.91 -3.39
N ALA B 308 -44.63 25.31 -3.51
CA ALA B 308 -44.23 26.52 -4.25
C ALA B 308 -43.68 26.21 -5.65
N GLY B 309 -43.16 24.99 -5.85
CA GLY B 309 -42.52 24.62 -7.10
C GLY B 309 -41.21 25.37 -7.28
N LYS B 310 -40.68 25.87 -6.16
CA LYS B 310 -39.43 26.63 -6.06
C LYS B 310 -38.62 26.13 -4.87
N SER B 311 -37.31 25.95 -5.06
CA SER B 311 -36.39 25.51 -4.01
C SER B 311 -36.21 26.60 -2.94
N THR B 312 -36.27 27.87 -3.38
CA THR B 312 -36.09 29.04 -2.52
C THR B 312 -37.12 29.06 -1.38
N ALA B 313 -38.24 28.34 -1.54
CA ALA B 313 -39.29 28.28 -0.50
C ALA B 313 -38.81 27.42 0.67
N GLY B 314 -37.64 26.78 0.49
CA GLY B 314 -36.99 25.96 1.51
C GLY B 314 -35.63 26.53 1.85
N ASP B 315 -35.12 26.17 3.03
CA ASP B 315 -33.85 26.70 3.52
C ASP B 315 -32.75 25.63 3.42
N LEU B 316 -32.96 24.61 2.58
CA LEU B 316 -31.97 23.55 2.40
C LEU B 316 -30.73 24.11 1.71
N GLU B 317 -29.55 23.56 2.05
CA GLU B 317 -28.30 23.95 1.39
C GLU B 317 -27.33 22.77 1.34
N ILE B 318 -26.32 22.96 0.47
CA ILE B 318 -25.28 21.99 0.11
C ILE B 318 -24.58 21.42 1.35
N ASP B 319 -24.38 20.11 1.32
CA ASP B 319 -23.64 19.41 2.35
C ASP B 319 -22.22 19.22 1.79
N GLU B 320 -21.38 20.27 1.87
CA GLU B 320 -19.98 20.21 1.37
C GLU B 320 -19.21 19.10 2.08
N HIS B 321 -19.67 18.74 3.29
CA HIS B 321 -19.02 17.70 4.08
C HIS B 321 -19.06 16.34 3.33
N ALA B 322 -20.23 16.01 2.79
CA ALA B 322 -20.46 14.74 2.10
C ALA B 322 -19.67 14.65 0.79
N SER B 323 -18.83 15.65 0.49
CA SER B 323 -18.06 15.60 -0.75
C SER B 323 -17.08 14.40 -0.75
N TYR B 324 -16.83 13.80 0.42
CA TYR B 324 -15.89 12.66 0.46
C TYR B 324 -16.46 11.45 -0.32
N ILE B 325 -17.81 11.37 -0.43
CA ILE B 325 -18.45 10.28 -1.16
C ILE B 325 -18.17 10.40 -2.67
N VAL B 326 -18.07 11.65 -3.14
CA VAL B 326 -17.78 11.88 -4.54
C VAL B 326 -16.28 11.64 -4.73
N ASP B 327 -15.51 11.92 -3.68
CA ASP B 327 -14.09 11.64 -3.77
C ASP B 327 -13.93 10.14 -4.06
N LEU B 328 -14.70 9.33 -3.32
CA LEU B 328 -14.66 7.89 -3.43
C LEU B 328 -15.24 7.46 -4.78
N ALA B 329 -16.42 7.99 -5.11
CA ALA B 329 -17.06 7.66 -6.36
C ALA B 329 -16.13 7.98 -7.53
N THR B 330 -15.53 9.18 -7.54
CA THR B 330 -14.68 9.59 -8.66
C THR B 330 -13.39 8.76 -8.69
N ALA B 331 -12.86 8.41 -7.50
CA ALA B 331 -11.62 7.61 -7.44
C ALA B 331 -11.80 6.32 -8.24
N ILE B 332 -12.99 5.71 -8.09
CA ILE B 332 -13.32 4.49 -8.78
C ILE B 332 -13.60 4.77 -10.26
N ALA B 333 -14.42 5.79 -10.52
CA ALA B 333 -14.86 6.14 -11.89
C ALA B 333 -13.66 6.49 -12.78
N PHE B 334 -12.75 7.33 -12.27
CA PHE B 334 -11.60 7.83 -13.04
C PHE B 334 -10.27 7.25 -12.54
N ASN B 335 -10.33 6.19 -11.71
CA ASN B 335 -9.10 5.49 -11.32
C ASN B 335 -8.02 6.46 -10.82
N THR B 336 -8.37 7.35 -9.89
CA THR B 336 -7.45 8.46 -9.51
C THR B 336 -6.31 8.08 -8.58
N GLN B 337 -6.40 6.93 -7.88
CA GLN B 337 -5.37 6.45 -6.90
C GLN B 337 -5.42 7.30 -5.61
N GLU B 338 -6.52 8.03 -5.43
CA GLU B 338 -6.60 8.86 -4.24
C GLU B 338 -6.45 8.01 -2.97
N ARG B 339 -5.72 8.57 -2.00
CA ARG B 339 -5.41 7.94 -0.73
C ARG B 339 -6.52 8.28 0.28
N LEU B 341 -9.01 6.62 3.90
CA LEU B 341 -9.32 5.59 4.87
C LEU B 341 -10.61 4.86 4.46
N LEU B 342 -10.52 3.53 4.38
CA LEU B 342 -11.63 2.66 4.07
C LEU B 342 -11.58 1.46 5.02
N ILE B 343 -12.74 0.84 5.21
CA ILE B 343 -12.87 -0.35 5.99
C ILE B 343 -12.70 -1.54 5.06
N VAL B 344 -11.64 -2.32 5.27
CA VAL B 344 -11.34 -3.45 4.40
C VAL B 344 -10.90 -4.66 5.20
N PRO B 345 -10.96 -5.88 4.62
CA PRO B 345 -10.43 -7.05 5.31
C PRO B 345 -8.95 -6.79 5.59
N ASN B 346 -8.51 -7.08 6.81
CA ASN B 346 -7.14 -6.83 7.23
C ASN B 346 -6.16 -7.63 6.37
N ASN B 347 -6.27 -8.94 6.46
CA ASN B 347 -5.49 -9.90 5.68
C ASN B 347 -4.00 -9.50 5.58
N GLY B 348 -3.35 -9.27 6.72
CA GLY B 348 -1.92 -8.95 6.73
C GLY B 348 -1.56 -7.47 6.77
N ALA B 349 -2.51 -6.56 6.50
CA ALA B 349 -2.13 -5.11 6.53
C ALA B 349 -1.58 -4.76 7.92
N ILE B 350 -2.32 -5.11 8.96
CA ILE B 350 -1.88 -5.02 10.35
C ILE B 350 -1.40 -6.44 10.62
N HIS B 351 -0.08 -6.61 10.62
CA HIS B 351 0.48 -7.94 10.60
C HIS B 351 0.13 -8.78 11.82
N ASN B 352 0.12 -8.18 13.02
CA ASN B 352 -0.12 -8.92 14.26
C ASN B 352 -1.58 -8.76 14.73
N PHE B 353 -2.50 -8.63 13.78
CA PHE B 353 -3.88 -8.56 14.11
C PHE B 353 -4.65 -9.53 13.20
N ASP B 354 -5.79 -10.02 13.68
CA ASP B 354 -6.62 -11.00 12.98
C ASP B 354 -6.79 -10.63 11.50
N ALA B 355 -6.44 -11.59 10.65
CA ALA B 355 -6.53 -11.47 9.20
C ALA B 355 -7.98 -11.26 8.75
N ASP B 356 -8.94 -11.88 9.42
CA ASP B 356 -10.36 -11.82 9.03
C ASP B 356 -11.10 -10.64 9.70
N ALA B 357 -10.36 -9.71 10.32
CA ALA B 357 -10.99 -8.52 10.89
C ALA B 357 -11.18 -7.44 9.85
N VAL B 359 -10.86 -3.74 9.09
CA VAL B 359 -10.10 -2.66 9.69
C VAL B 359 -10.21 -1.41 8.81
N GLU B 360 -10.02 -0.26 9.45
CA GLU B 360 -10.06 1.05 8.84
C GLU B 360 -8.61 1.52 8.70
N ILE B 361 -8.14 1.55 7.45
CA ILE B 361 -6.77 1.85 7.18
C ILE B 361 -6.63 2.59 5.86
N PRO B 362 -5.47 3.25 5.65
CA PRO B 362 -5.19 3.93 4.39
C PRO B 362 -5.14 2.96 3.19
N CYS B 363 -5.80 3.37 2.11
CA CYS B 363 -5.88 2.63 0.88
C CYS B 363 -5.79 3.59 -0.31
N LEU B 364 -5.24 3.10 -1.42
CA LEU B 364 -5.27 3.84 -2.66
C LEU B 364 -6.55 3.36 -3.37
N VAL B 365 -7.31 4.25 -3.98
CA VAL B 365 -8.56 3.82 -4.58
C VAL B 365 -8.49 4.02 -6.08
N GLY B 366 -8.71 2.93 -6.83
CA GLY B 366 -8.74 2.91 -8.30
C GLY B 366 -10.02 2.27 -8.80
N HIS B 367 -10.08 1.95 -10.10
CA HIS B 367 -11.31 1.40 -10.72
C HIS B 367 -11.60 -0.02 -10.21
N ASN B 368 -10.57 -0.71 -9.71
CA ASN B 368 -10.73 -2.06 -9.18
C ASN B 368 -10.96 -2.02 -7.68
N GLY B 369 -11.22 -0.83 -7.12
CA GLY B 369 -11.48 -0.72 -5.70
C GLY B 369 -10.22 -0.35 -4.92
N PRO B 370 -10.13 -0.68 -3.62
CA PRO B 370 -8.99 -0.27 -2.81
C PRO B 370 -7.73 -1.14 -2.87
N GLU B 371 -6.58 -0.46 -2.78
CA GLU B 371 -5.29 -1.08 -2.61
C GLU B 371 -4.79 -0.65 -1.23
N PRO B 372 -5.01 -1.46 -0.18
CA PRO B 372 -4.59 -1.06 1.15
C PRO B 372 -3.06 -1.00 1.28
N LEU B 373 -2.58 -0.03 2.08
CA LEU B 373 -1.18 0.04 2.40
C LEU B 373 -0.94 -0.85 3.62
N THR B 374 0.28 -1.33 3.78
CA THR B 374 0.64 -2.08 4.95
C THR B 374 0.65 -1.10 6.13
N VAL B 375 0.45 -1.67 7.33
CA VAL B 375 0.47 -0.90 8.54
C VAL B 375 1.67 -1.35 9.37
N GLY B 376 1.87 -2.66 9.47
CA GLY B 376 2.94 -3.19 10.30
C GLY B 376 2.37 -3.76 11.59
N ASP B 377 3.23 -3.95 12.59
CA ASP B 377 2.82 -4.46 13.88
C ASP B 377 2.33 -3.28 14.73
N ILE B 378 1.23 -3.50 15.47
CA ILE B 378 0.68 -2.47 16.36
C ILE B 378 1.01 -2.83 17.81
N PRO B 379 1.08 -1.85 18.72
CA PRO B 379 1.41 -2.11 20.12
C PRO B 379 0.26 -2.74 20.93
N HIS B 380 0.58 -3.19 22.15
CA HIS B 380 -0.31 -3.95 23.00
C HIS B 380 -1.55 -3.18 23.43
N PHE B 381 -1.46 -1.87 23.65
CA PHE B 381 -2.64 -1.16 24.15
C PHE B 381 -3.75 -1.20 23.10
N GLN B 382 -3.44 -0.68 21.91
CA GLN B 382 -4.40 -0.65 20.81
C GLN B 382 -4.85 -2.07 20.41
N LYS B 383 -3.89 -3.00 20.37
CA LYS B 383 -4.18 -4.39 19.96
C LYS B 383 -5.18 -5.01 20.94
N GLY B 384 -4.95 -4.81 22.23
CA GLY B 384 -5.83 -5.33 23.24
C GLY B 384 -7.22 -4.74 23.10
N LEU B 385 -7.32 -3.43 22.91
CA LEU B 385 -8.63 -2.77 22.79
C LEU B 385 -9.35 -3.26 21.54
N SER B 387 -8.89 -6.07 19.81
CA SER B 387 -9.20 -7.49 19.85
C SER B 387 -10.50 -7.68 20.63
N GLN B 388 -10.66 -6.90 21.69
CA GLN B 388 -11.86 -6.96 22.49
C GLN B 388 -13.06 -6.52 21.64
N GLN B 389 -12.95 -5.35 21.00
CA GLN B 389 -14.08 -4.79 20.26
C GLN B 389 -14.37 -5.59 18.99
N VAL B 390 -13.36 -6.09 18.28
CA VAL B 390 -13.70 -6.85 17.05
C VAL B 390 -14.41 -8.16 17.44
N ALA B 391 -14.08 -8.70 18.62
CA ALA B 391 -14.73 -9.94 19.10
C ALA B 391 -16.20 -9.63 19.39
N VAL B 392 -16.46 -8.46 19.96
CA VAL B 392 -17.84 -8.03 20.19
C VAL B 392 -18.60 -8.08 18.85
N GLU B 393 -18.06 -7.38 17.85
CA GLU B 393 -18.68 -7.27 16.51
C GLU B 393 -18.87 -8.65 15.89
N LYS B 394 -17.83 -9.49 15.94
CA LYS B 394 -17.92 -10.83 15.35
C LYS B 394 -18.97 -11.68 16.09
N LEU B 395 -19.12 -11.47 17.39
CA LEU B 395 -20.14 -12.20 18.14
C LEU B 395 -21.55 -11.73 17.74
N VAL B 396 -21.69 -10.45 17.38
CA VAL B 396 -23.01 -9.94 16.98
C VAL B 396 -23.42 -10.62 15.66
N VAL B 397 -22.46 -10.76 14.75
CA VAL B 397 -22.76 -11.38 13.47
C VAL B 397 -22.95 -12.88 13.67
N ASP B 398 -22.23 -13.49 14.64
CA ASP B 398 -22.44 -14.90 14.97
C ASP B 398 -23.90 -15.06 15.45
N ALA B 399 -24.33 -14.14 16.32
CA ALA B 399 -25.68 -14.20 16.89
C ALA B 399 -26.72 -14.10 15.77
N TRP B 400 -26.47 -13.25 14.78
CA TRP B 400 -27.41 -13.08 13.68
C TRP B 400 -27.47 -14.35 12.83
N GLU B 401 -26.30 -14.83 12.40
CA GLU B 401 -26.19 -16.01 11.56
C GLU B 401 -26.81 -17.26 12.19
N GLN B 402 -26.41 -17.53 13.45
CA GLN B 402 -26.79 -18.72 14.18
C GLN B 402 -28.07 -18.52 15.00
N ARG B 403 -28.65 -17.31 14.97
CA ARG B 403 -29.85 -17.04 15.76
C ARG B 403 -29.61 -17.54 17.19
N SER B 404 -28.49 -17.08 17.78
CA SER B 404 -28.03 -17.51 19.09
C SER B 404 -28.14 -16.40 20.14
N TYR B 405 -28.90 -16.68 21.19
CA TYR B 405 -29.06 -15.80 22.32
C TYR B 405 -27.73 -15.68 23.06
N HIS B 406 -27.06 -16.80 23.30
CA HIS B 406 -25.80 -16.77 24.05
C HIS B 406 -24.73 -15.97 23.30
N LYS B 407 -24.69 -16.07 21.96
CA LYS B 407 -23.66 -15.31 21.20
C LYS B 407 -23.86 -13.81 21.43
N LEU B 408 -25.12 -13.37 21.51
CA LEU B 408 -25.36 -11.94 21.69
C LEU B 408 -25.08 -11.52 23.14
N TRP B 409 -25.41 -12.40 24.08
CA TRP B 409 -25.14 -12.09 25.48
C TRP B 409 -23.62 -11.96 25.68
N GLN B 410 -22.88 -12.82 24.97
CA GLN B 410 -21.42 -12.78 25.00
C GLN B 410 -20.92 -11.45 24.43
N ALA B 411 -21.50 -11.06 23.28
CA ALA B 411 -21.10 -9.81 22.64
C ALA B 411 -21.24 -8.64 23.62
N ILE B 412 -22.44 -8.49 24.16
CA ILE B 412 -22.75 -7.42 25.07
C ILE B 412 -21.86 -7.52 26.33
N THR B 413 -21.66 -8.73 26.82
CA THR B 413 -20.84 -8.92 28.01
C THR B 413 -19.39 -8.47 27.75
N LEU B 414 -18.93 -8.65 26.52
CA LEU B 414 -17.53 -8.40 26.18
C LEU B 414 -17.25 -6.90 26.01
N SER B 415 -18.29 -6.11 25.73
CA SER B 415 -18.14 -4.68 25.49
C SER B 415 -17.51 -3.98 26.70
N LYS B 416 -16.57 -3.09 26.41
CA LYS B 416 -15.90 -2.29 27.45
C LYS B 416 -16.89 -1.28 28.06
N THR B 417 -18.05 -1.10 27.40
CA THR B 417 -19.09 -0.15 27.84
C THR B 417 -20.02 -0.79 28.89
N VAL B 418 -19.86 -2.09 29.11
CA VAL B 418 -20.74 -2.87 29.97
C VAL B 418 -19.95 -3.40 31.17
N PRO B 419 -20.41 -3.15 32.41
CA PRO B 419 -19.63 -3.52 33.59
C PRO B 419 -19.65 -5.01 34.00
N SER B 420 -20.69 -5.77 33.60
CA SER B 420 -20.76 -7.16 33.99
C SER B 420 -21.72 -7.93 33.09
N ALA B 421 -21.63 -9.26 33.20
CA ALA B 421 -22.47 -10.17 32.44
C ALA B 421 -23.91 -10.13 32.94
N SER B 422 -24.12 -9.77 34.21
CA SER B 422 -25.51 -9.73 34.73
C SER B 422 -26.22 -8.51 34.12
N VAL B 423 -25.50 -7.39 34.04
CA VAL B 423 -26.05 -6.17 33.47
C VAL B 423 -26.25 -6.42 31.96
N ALA B 424 -25.30 -7.14 31.35
CA ALA B 424 -25.39 -7.44 29.93
C ALA B 424 -26.67 -8.21 29.62
N LYS B 425 -27.02 -9.17 30.48
CA LYS B 425 -28.19 -10.01 30.27
C LYS B 425 -29.48 -9.19 30.41
N ALA B 426 -29.55 -8.36 31.44
CA ALA B 426 -30.73 -7.53 31.67
C ALA B 426 -30.98 -6.64 30.43
N ILE B 427 -29.92 -6.10 29.86
CA ILE B 427 -30.03 -5.25 28.69
C ILE B 427 -30.46 -6.09 27.49
N LEU B 428 -29.78 -7.22 27.28
CA LEU B 428 -30.15 -8.07 26.15
C LEU B 428 -31.66 -8.36 26.15
N ASP B 429 -32.20 -8.76 27.30
CA ASP B 429 -33.63 -9.12 27.36
C ASP B 429 -34.49 -7.93 26.93
N ASP B 430 -34.16 -6.74 27.43
CA ASP B 430 -34.94 -5.55 27.08
C ASP B 430 -34.83 -5.29 25.57
N LEU B 431 -33.63 -5.47 25.01
CA LEU B 431 -33.41 -5.20 23.59
C LEU B 431 -34.22 -6.18 22.72
N ILE B 432 -34.25 -7.47 23.12
CA ILE B 432 -34.97 -8.49 22.37
C ILE B 432 -36.46 -8.10 22.25
N ALA B 433 -37.05 -7.72 23.38
CA ALA B 433 -38.48 -7.36 23.40
C ALA B 433 -38.76 -6.16 22.49
N ALA B 434 -37.82 -5.19 22.44
CA ALA B 434 -38.02 -3.95 21.68
C ALA B 434 -37.81 -4.15 20.18
N ASN B 435 -36.97 -5.12 19.80
CA ASN B 435 -36.63 -5.33 18.38
C ASN B 435 -37.34 -6.56 17.80
N LYS B 436 -38.47 -6.94 18.38
CA LYS B 436 -39.23 -8.10 17.91
C LYS B 436 -39.47 -8.03 16.40
N ASP B 437 -39.83 -6.84 15.90
CA ASP B 437 -40.18 -6.69 14.49
C ASP B 437 -38.97 -6.68 13.55
N TYR B 438 -37.74 -6.76 14.09
CA TYR B 438 -36.57 -6.63 13.18
C TYR B 438 -35.57 -7.79 13.32
N TRP B 439 -35.37 -8.27 14.54
CA TRP B 439 -34.41 -9.33 14.80
C TRP B 439 -35.02 -10.70 14.50
N PRO B 440 -34.19 -11.68 14.11
CA PRO B 440 -34.68 -13.05 13.97
C PRO B 440 -34.86 -13.60 15.40
N GLU B 441 -35.59 -14.71 15.51
CA GLU B 441 -35.79 -15.41 16.76
C GLU B 441 -34.42 -15.83 17.29
N LEU B 442 -34.14 -15.56 18.56
CA LEU B 442 -32.87 -15.99 19.17
C LEU B 442 -33.11 -17.18 20.11
N HIS B 443 -32.38 -18.27 19.87
CA HIS B 443 -32.54 -19.49 20.66
C HIS B 443 -31.26 -19.80 21.45
#